data_4U7C
#
_entry.id   4U7C
#
_cell.length_a   63.640
_cell.length_b   130.170
_cell.length_c   166.300
_cell.angle_alpha   90.00
_cell.angle_beta   90.00
_cell.angle_gamma   90.00
#
_symmetry.space_group_name_H-M   'P 21 21 21'
#
loop_
_entity.id
_entity.type
_entity.pdbx_description
1 polymer 'DNA polymerase kappa'
2 polymer "DNA (5'-D(P*GP*CP*GP*GP*AP*TP*CP*AP*G)-3')"
3 polymer "DNA (5'-D(*P*AP*TP*GP*(VKJ)P*CP*TP*GP*AP*TP*CP*CP*GP*C)-3')"
4 non-polymer 'MAGNESIUM ION'
5 non-polymer "2'-deoxy-5'-O-[(R)-hydroxy{[(R)-hydroxy(phosphonooxy)phosphoryl]amino}phosphoryl]cytidine"
6 non-polymer DI(HYDROXYETHYL)ETHER
7 non-polymer 1,2-ETHANEDIOL
8 water water
#
loop_
_entity_poly.entity_id
_entity_poly.type
_entity_poly.pdbx_seq_one_letter_code
_entity_poly.pdbx_strand_id
1 'polypeptide(L)'
;GMEGLDKEKINKIIMEATKGSRFYGNELKKEKQVNQRIENMMQQKAQITSQQLRKAQLQVDRFAMELEQSRNLSNTIVHI
DMDAFYAAVEMRDNPELKDKPIAVGSMSMLSTSNYHARRFGVRAAMPGFIAKRLCPQLIIVPPNFDKYRAVSKEVKEILA
DYDPNFMAMSLDEAYLNITKHLEERQNWPEDKRRYFIKMGSSVENDNPGKEVNKLSEHERSISPLLFEESPSDVQPPGDP
FQVNFEEQNNPQILQNSVVFGTSAQEVVKEIRFRIEQKTTLTASAGIAPNTMLAKVCSDKNKPNGQYQILPNRQAVMDFI
KDLPIRKVSGIGKVTEKMLKALGIITCTELYQQRALLSLLFSETSWHYFLHISLGLGSTHLTRDGERKSMSVERTFSEIN
KAEEQYSLCQELCSELAQDLQKERLKGRTVTIKLKNVNFEVKTRASTVSSVVSTAEEIFAIAKELLKTEIDADFPHPLRL
RLMGVRISSFPN
;
A,B
2 'polydeoxyribonucleotide' (DG)(DC)(DG)(DG)(DA)(DT)(DC)(DA)(DG) C,P
3 'polydeoxyribonucleotide' (DA)(DT)(DG)(VKJ)(DC)(DT)(DG)(DA)(DT)(DC)(DC)(DG)(DC) D,T
#
loop_
_chem_comp.id
_chem_comp.type
_chem_comp.name
_chem_comp.formula
0KX non-polymer 2'-deoxy-5'-O-[(R)-hydroxy{[(R)-hydroxy(phosphonooxy)phosphoryl]amino}phosphoryl]cytidine 'C9 H17 N4 O12 P3'
DA DNA linking 2'-DEOXYADENOSINE-5'-MONOPHOSPHATE 'C10 H14 N5 O6 P'
DC DNA linking 2'-DEOXYCYTIDINE-5'-MONOPHOSPHATE 'C9 H14 N3 O7 P'
DG DNA linking 2'-DEOXYGUANOSINE-5'-MONOPHOSPHATE 'C10 H14 N5 O7 P'
DT DNA linking THYMIDINE-5'-MONOPHOSPHATE 'C10 H15 N2 O8 P'
EDO non-polymer 1,2-ETHANEDIOL 'C2 H6 O2'
MG non-polymer 'MAGNESIUM ION' 'Mg 2'
PEG non-polymer DI(HYDROXYETHYL)ETHER 'C4 H10 O3'
VKJ non-polymer '2'-deoxy-N-[(7R,8S,9R,10S)-7,8,9-trihydroxy-7,8,9,10-tetrahydrobenzo[pqr]tetraphen-10-yl]guanosine 5'-(dihydrogen phosphate)' 'C30 H28 N5 O10 P'
#
# COMPACT_ATOMS: atom_id res chain seq x y z
N ASP A 6 9.42 -33.45 -0.74
CA ASP A 6 8.30 -34.02 -1.47
C ASP A 6 6.96 -33.60 -0.85
N LYS A 7 5.86 -34.06 -1.44
CA LYS A 7 4.51 -33.72 -1.00
C LYS A 7 4.25 -34.06 0.48
N GLU A 8 4.77 -35.20 0.90
CA GLU A 8 4.65 -35.62 2.30
C GLU A 8 5.32 -34.61 3.23
N LYS A 9 6.50 -34.15 2.85
CA LYS A 9 7.31 -33.26 3.69
C LYS A 9 6.67 -31.86 3.74
N ILE A 10 6.22 -31.41 2.56
CA ILE A 10 5.48 -30.16 2.42
C ILE A 10 4.26 -30.13 3.34
N ASN A 11 3.30 -31.02 3.07
CA ASN A 11 2.08 -31.06 3.87
C ASN A 11 2.38 -31.28 5.34
N LYS A 12 3.44 -32.02 5.63
CA LYS A 12 3.87 -32.27 7.01
C LYS A 12 4.25 -30.99 7.74
N ILE A 13 5.19 -30.22 7.18
CA ILE A 13 5.64 -29.00 7.87
C ILE A 13 4.56 -27.91 7.86
N ILE A 14 3.84 -27.76 6.75
CA ILE A 14 2.68 -26.86 6.72
C ILE A 14 1.75 -27.17 7.88
N MET A 15 1.29 -28.42 7.94
CA MET A 15 0.36 -28.86 8.98
C MET A 15 0.94 -28.63 10.39
N GLU A 16 2.22 -28.97 10.55
CA GLU A 16 2.89 -28.86 11.85
C GLU A 16 2.94 -27.42 12.31
N ALA A 17 3.07 -26.50 11.36
CA ALA A 17 3.21 -25.09 11.68
C ALA A 17 1.86 -24.38 11.74
N THR A 18 0.83 -25.03 11.24
CA THR A 18 -0.47 -24.37 11.11
C THR A 18 -1.53 -24.93 12.08
N LYS A 19 -1.33 -26.17 12.53
CA LYS A 19 -2.31 -26.87 13.37
C LYS A 19 -2.79 -26.09 14.58
N GLY A 20 -4.10 -26.04 14.75
CA GLY A 20 -4.70 -25.40 15.91
C GLY A 20 -4.82 -23.89 15.84
N SER A 21 -4.47 -23.29 14.71
CA SER A 21 -4.69 -21.86 14.53
C SER A 21 -6.20 -21.64 14.31
N ARG A 22 -6.63 -20.38 14.33
CA ARG A 22 -8.05 -20.08 14.14
C ARG A 22 -8.42 -20.28 12.67
N PHE A 23 -7.50 -19.87 11.80
CA PHE A 23 -7.63 -20.07 10.36
C PHE A 23 -7.83 -21.54 10.06
N TYR A 24 -6.93 -22.36 10.60
CA TYR A 24 -6.96 -23.81 10.43
C TYR A 24 -8.31 -24.40 10.86
N GLY A 25 -8.79 -23.94 12.00
CA GLY A 25 -10.11 -24.31 12.49
C GLY A 25 -11.18 -24.01 11.47
N ASN A 26 -11.20 -22.78 10.95
CA ASN A 26 -12.21 -22.41 9.98
C ASN A 26 -12.12 -23.25 8.72
N GLU A 27 -10.90 -23.66 8.37
CA GLU A 27 -10.70 -24.53 7.21
C GLU A 27 -11.28 -25.91 7.46
N LEU A 28 -11.12 -26.40 8.68
CA LEU A 28 -11.77 -27.65 9.10
C LEU A 28 -13.29 -27.53 8.98
N LYS A 29 -13.85 -26.42 9.46
CA LYS A 29 -15.28 -26.16 9.30
C LYS A 29 -15.76 -26.21 7.85
N LYS A 30 -15.04 -25.48 6.97
CA LYS A 30 -15.38 -25.43 5.55
C LYS A 30 -15.30 -26.81 4.89
N GLU A 31 -14.24 -27.55 5.26
CA GLU A 31 -14.00 -28.91 4.78
C GLU A 31 -15.18 -29.82 5.16
N LYS A 32 -15.54 -29.75 6.44
CA LYS A 32 -16.72 -30.44 6.95
C LYS A 32 -17.98 -30.13 6.14
N GLN A 33 -18.18 -28.85 5.85
CA GLN A 33 -19.37 -28.43 5.11
CA GLN A 33 -19.33 -28.38 5.08
C GLN A 33 -19.38 -29.00 3.68
N VAL A 34 -18.24 -28.98 2.99
CA VAL A 34 -18.21 -29.52 1.62
C VAL A 34 -18.42 -31.04 1.66
N ASN A 35 -17.75 -31.72 2.59
CA ASN A 35 -18.01 -33.13 2.85
C ASN A 35 -19.51 -33.41 3.01
N GLN A 36 -20.19 -32.55 3.76
CA GLN A 36 -21.64 -32.63 3.92
C GLN A 36 -22.37 -32.54 2.57
N ARG A 37 -22.02 -31.51 1.78
CA ARG A 37 -22.58 -31.34 0.44
C ARG A 37 -22.44 -32.60 -0.41
N ILE A 38 -21.30 -33.27 -0.25
CA ILE A 38 -21.00 -34.48 -0.99
C ILE A 38 -21.87 -35.62 -0.49
N GLU A 39 -21.96 -35.78 0.82
CA GLU A 39 -22.84 -36.75 1.46
C GLU A 39 -24.25 -36.65 0.90
N ASN A 40 -24.77 -35.42 0.90
CA ASN A 40 -26.08 -35.15 0.33
C ASN A 40 -26.18 -35.54 -1.14
N MET A 41 -25.16 -35.20 -1.93
CA MET A 41 -25.19 -35.55 -3.34
C MET A 41 -25.19 -37.07 -3.58
N MET A 42 -24.45 -37.81 -2.76
CA MET A 42 -24.43 -39.28 -2.83
C MET A 42 -25.77 -39.87 -2.44
N GLN A 43 -26.34 -39.35 -1.35
CA GLN A 43 -27.66 -39.78 -0.92
C GLN A 43 -28.68 -39.48 -2.00
N GLN A 44 -28.46 -38.43 -2.78
CA GLN A 44 -29.36 -38.10 -3.87
C GLN A 44 -29.11 -38.97 -5.10
N LYS A 45 -27.88 -39.44 -5.26
CA LYS A 45 -27.53 -40.36 -6.34
C LYS A 45 -28.25 -41.68 -6.13
N ALA A 46 -28.19 -42.17 -4.89
CA ALA A 46 -28.84 -43.42 -4.50
C ALA A 46 -30.32 -43.56 -4.92
N GLN A 47 -31.08 -42.48 -4.91
CA GLN A 47 -32.50 -42.56 -5.30
C GLN A 47 -32.73 -42.35 -6.79
N ILE A 48 -31.73 -42.66 -7.60
CA ILE A 48 -31.88 -42.50 -9.04
C ILE A 48 -32.19 -43.87 -9.65
N THR A 49 -33.27 -43.93 -10.42
CA THR A 49 -33.70 -45.17 -11.06
C THR A 49 -33.11 -45.27 -12.45
N SER A 50 -32.92 -46.50 -12.92
CA SER A 50 -32.42 -46.71 -14.27
C SER A 50 -33.30 -46.02 -15.32
N GLN A 51 -34.58 -45.85 -14.97
CA GLN A 51 -35.56 -45.25 -15.87
C GLN A 51 -35.35 -43.76 -16.13
N GLN A 52 -35.43 -42.96 -15.07
CA GLN A 52 -35.25 -41.51 -15.18
C GLN A 52 -33.85 -41.22 -15.70
N LEU A 53 -32.93 -42.10 -15.37
CA LEU A 53 -31.56 -42.05 -15.88
C LEU A 53 -31.54 -42.26 -17.40
N ARG A 54 -32.33 -43.22 -17.88
CA ARG A 54 -32.45 -43.48 -19.31
C ARG A 54 -33.01 -42.27 -20.05
N LYS A 55 -34.10 -41.72 -19.52
CA LYS A 55 -34.73 -40.53 -20.08
C LYS A 55 -33.72 -39.38 -20.15
N ALA A 56 -32.99 -39.22 -19.05
CA ALA A 56 -31.91 -38.26 -18.94
C ALA A 56 -30.91 -38.43 -20.09
N GLN A 57 -30.32 -39.62 -20.17
CA GLN A 57 -29.37 -39.93 -21.23
C GLN A 57 -29.91 -39.59 -22.62
N LEU A 58 -31.19 -39.84 -22.84
CA LEU A 58 -31.78 -39.49 -24.14
C LEU A 58 -31.75 -37.97 -24.39
N GLN A 59 -32.29 -37.21 -23.44
CA GLN A 59 -32.33 -35.75 -23.60
C GLN A 59 -30.94 -35.13 -23.73
N VAL A 60 -30.10 -35.43 -22.75
CA VAL A 60 -28.69 -35.05 -22.75
C VAL A 60 -28.01 -35.35 -24.07
N ASP A 61 -28.19 -36.55 -24.61
CA ASP A 61 -27.57 -36.87 -25.89
C ASP A 61 -28.15 -36.05 -27.04
N ARG A 62 -29.45 -35.74 -26.99
CA ARG A 62 -30.00 -34.87 -28.02
C ARG A 62 -29.29 -33.51 -28.01
N PHE A 63 -29.18 -32.93 -26.80
CA PHE A 63 -28.51 -31.64 -26.64
C PHE A 63 -27.04 -31.69 -27.07
N ALA A 64 -26.32 -32.72 -26.64
CA ALA A 64 -24.93 -32.93 -27.00
C ALA A 64 -24.77 -32.99 -28.50
N MET A 65 -25.70 -33.69 -29.15
CA MET A 65 -25.73 -33.72 -30.61
C MET A 65 -25.81 -32.30 -31.16
N GLU A 66 -26.74 -31.53 -30.59
CA GLU A 66 -26.87 -30.12 -30.97
C GLU A 66 -25.54 -29.36 -30.82
N LEU A 67 -24.81 -29.65 -29.75
CA LEU A 67 -23.50 -29.04 -29.52
C LEU A 67 -22.48 -29.41 -30.59
N GLU A 68 -22.20 -30.70 -30.71
CA GLU A 68 -21.23 -31.21 -31.66
C GLU A 68 -21.55 -30.77 -33.09
N GLN A 69 -22.82 -30.49 -33.35
CA GLN A 69 -23.20 -29.94 -34.65
C GLN A 69 -22.66 -28.50 -34.78
N SER A 70 -22.78 -27.73 -33.71
CA SER A 70 -22.37 -26.32 -33.71
C SER A 70 -20.87 -26.08 -33.52
N ARG A 71 -20.07 -27.15 -33.49
CA ARG A 71 -18.64 -27.02 -33.24
C ARG A 71 -17.95 -26.13 -34.30
N ASN A 72 -17.07 -25.24 -33.83
CA ASN A 72 -16.31 -24.36 -34.72
C ASN A 72 -14.80 -24.59 -34.59
N LEU A 73 -14.15 -24.82 -35.73
CA LEU A 73 -12.72 -25.12 -35.74
C LEU A 73 -11.89 -24.18 -36.60
N SER A 74 -12.54 -23.16 -37.16
CA SER A 74 -11.89 -22.32 -38.15
C SER A 74 -10.98 -21.26 -37.52
N ASN A 75 -11.29 -20.85 -36.29
CA ASN A 75 -10.56 -19.77 -35.65
C ASN A 75 -9.29 -20.22 -34.94
N THR A 76 -8.30 -19.34 -34.90
CA THR A 76 -7.07 -19.61 -34.17
C THR A 76 -7.01 -18.69 -32.97
N ILE A 77 -7.05 -19.30 -31.79
CA ILE A 77 -7.13 -18.59 -30.52
C ILE A 77 -5.86 -18.84 -29.74
N VAL A 78 -5.30 -17.77 -29.19
CA VAL A 78 -4.03 -17.84 -28.49
C VAL A 78 -4.20 -17.29 -27.08
N HIS A 79 -3.56 -17.93 -26.11
CA HIS A 79 -3.57 -17.44 -24.74
C HIS A 79 -2.14 -17.23 -24.29
N ILE A 80 -1.81 -15.98 -23.96
CA ILE A 80 -0.48 -15.67 -23.46
C ILE A 80 -0.50 -15.40 -21.96
N ASP A 81 0.49 -15.98 -21.28
CA ASP A 81 0.63 -15.96 -19.83
C ASP A 81 2.07 -15.71 -19.44
N MET A 82 2.36 -14.52 -18.93
CA MET A 82 3.71 -14.16 -18.49
C MET A 82 4.20 -15.13 -17.41
N ASP A 83 5.47 -15.52 -17.51
CA ASP A 83 6.01 -16.50 -16.57
C ASP A 83 6.42 -15.87 -15.25
N ALA A 84 5.98 -16.46 -14.15
CA ALA A 84 6.24 -15.99 -12.79
C ALA A 84 6.23 -14.45 -12.63
N PHE A 85 5.42 -13.80 -13.45
CA PHE A 85 5.40 -12.34 -13.63
C PHE A 85 6.12 -11.46 -12.61
N TYR A 86 5.43 -11.11 -11.53
CA TYR A 86 5.95 -10.21 -10.50
C TYR A 86 7.40 -10.54 -10.13
N ALA A 87 7.66 -11.83 -9.92
CA ALA A 87 8.98 -12.29 -9.51
C ALA A 87 9.99 -12.17 -10.64
N ALA A 88 9.53 -12.42 -11.86
CA ALA A 88 10.36 -12.25 -13.04
C ALA A 88 10.83 -10.82 -13.16
N VAL A 89 9.90 -9.89 -12.94
CA VAL A 89 10.24 -8.47 -12.99
C VAL A 89 11.21 -8.09 -11.88
N GLU A 90 10.96 -8.57 -10.68
CA GLU A 90 11.87 -8.29 -9.57
C GLU A 90 13.27 -8.87 -9.81
N MET A 91 13.34 -9.93 -10.61
CA MET A 91 14.60 -10.59 -10.88
C MET A 91 15.34 -9.85 -11.98
N ARG A 92 14.57 -9.33 -12.93
CA ARG A 92 15.11 -8.59 -14.08
C ARG A 92 15.92 -7.38 -13.65
N ASP A 93 15.47 -6.74 -12.57
CA ASP A 93 16.01 -5.46 -12.16
C ASP A 93 16.81 -5.57 -10.86
N ASN A 94 17.04 -6.80 -10.42
CA ASN A 94 17.92 -7.05 -9.29
C ASN A 94 18.58 -8.41 -9.48
N PRO A 95 19.73 -8.43 -10.18
CA PRO A 95 20.37 -9.67 -10.61
C PRO A 95 20.98 -10.44 -9.45
N GLU A 96 21.09 -9.80 -8.28
CA GLU A 96 21.56 -10.46 -7.08
C GLU A 96 20.55 -11.50 -6.57
N LEU A 97 19.42 -11.63 -7.27
CA LEU A 97 18.38 -12.59 -6.90
C LEU A 97 18.21 -13.71 -7.92
N LYS A 98 18.74 -13.48 -9.13
CA LYS A 98 18.46 -14.32 -10.30
C LYS A 98 18.55 -15.83 -10.05
N ASP A 99 19.47 -16.24 -9.17
CA ASP A 99 19.71 -17.65 -8.93
C ASP A 99 19.20 -18.11 -7.55
N LYS A 100 18.34 -17.31 -6.93
CA LYS A 100 17.87 -17.58 -5.58
C LYS A 100 16.37 -17.78 -5.56
N PRO A 101 15.86 -18.48 -4.53
CA PRO A 101 14.41 -18.59 -4.40
C PRO A 101 13.80 -17.32 -3.79
N ILE A 102 12.88 -16.70 -4.52
CA ILE A 102 12.26 -15.46 -4.06
C ILE A 102 10.74 -15.54 -4.13
N ALA A 103 10.08 -14.67 -3.39
CA ALA A 103 8.64 -14.52 -3.49
C ALA A 103 8.23 -13.05 -3.43
N VAL A 104 7.34 -12.64 -4.31
CA VAL A 104 6.78 -11.30 -4.25
C VAL A 104 5.52 -11.28 -3.38
N GLY A 105 5.60 -10.51 -2.30
CA GLY A 105 4.53 -10.40 -1.32
C GLY A 105 5.02 -9.81 -0.01
N SER A 106 4.34 -10.14 1.09
CA SER A 106 4.78 -9.70 2.42
C SER A 106 4.93 -10.89 3.35
N MET A 107 4.90 -10.64 4.65
CA MET A 107 4.92 -11.72 5.62
C MET A 107 3.52 -12.31 5.71
N SER A 108 2.51 -11.47 5.45
CA SER A 108 1.12 -11.88 5.53
C SER A 108 0.73 -12.76 4.35
N MET A 109 1.02 -12.31 3.14
CA MET A 109 0.58 -13.02 1.94
C MET A 109 1.55 -12.87 0.78
N LEU A 110 1.65 -13.92 -0.04
CA LEU A 110 2.50 -13.90 -1.22
C LEU A 110 1.69 -13.79 -2.50
N SER A 111 1.96 -12.74 -3.27
CA SER A 111 1.40 -12.59 -4.60
C SER A 111 1.89 -13.70 -5.53
N THR A 112 3.19 -14.00 -5.45
CA THR A 112 3.74 -15.06 -6.30
C THR A 112 5.14 -15.46 -5.90
N SER A 113 5.72 -16.42 -6.62
CA SER A 113 7.06 -16.90 -6.32
C SER A 113 7.75 -17.35 -7.60
N ASN A 114 9.07 -17.38 -7.61
CA ASN A 114 9.76 -17.92 -8.78
C ASN A 114 9.74 -19.44 -8.72
N TYR A 115 10.07 -20.10 -9.82
CA TYR A 115 10.01 -21.56 -9.91
C TYR A 115 11.06 -22.15 -8.97
N HIS A 116 12.15 -21.40 -8.87
CA HIS A 116 13.26 -21.76 -8.01
CA HIS A 116 13.28 -21.74 -8.01
C HIS A 116 12.79 -21.95 -6.57
N ALA A 117 11.78 -21.18 -6.18
CA ALA A 117 11.18 -21.30 -4.85
C ALA A 117 9.94 -22.18 -4.91
N ARG A 118 9.32 -22.24 -6.08
CA ARG A 118 8.16 -23.10 -6.28
C ARG A 118 8.55 -24.57 -6.09
N ARG A 119 9.85 -24.84 -6.09
CA ARG A 119 10.34 -26.20 -5.83
C ARG A 119 10.26 -26.58 -4.36
N PHE A 120 9.99 -25.60 -3.50
CA PHE A 120 9.85 -25.85 -2.07
C PHE A 120 8.39 -25.86 -1.67
N GLY A 121 7.51 -25.84 -2.67
CA GLY A 121 6.09 -25.83 -2.42
C GLY A 121 5.60 -24.41 -2.18
N VAL A 122 6.54 -23.47 -2.18
CA VAL A 122 6.25 -22.06 -2.02
C VAL A 122 5.47 -21.53 -3.22
N ARG A 123 4.24 -21.07 -2.99
CA ARG A 123 3.37 -20.66 -4.09
C ARG A 123 2.51 -19.45 -3.74
N ALA A 124 1.92 -18.84 -4.78
CA ALA A 124 0.96 -17.77 -4.60
C ALA A 124 -0.15 -18.15 -3.63
N ALA A 125 -0.77 -17.12 -3.04
CA ALA A 125 -1.89 -17.28 -2.12
C ALA A 125 -1.48 -17.99 -0.82
N MET A 126 -0.19 -18.21 -0.65
CA MET A 126 0.34 -18.76 0.59
C MET A 126 0.94 -17.65 1.45
N PRO A 127 0.65 -17.67 2.76
CA PRO A 127 1.24 -16.70 3.69
C PRO A 127 2.77 -16.75 3.70
N GLY A 128 3.41 -15.59 3.81
CA GLY A 128 4.85 -15.50 3.84
C GLY A 128 5.52 -16.33 4.92
N PHE A 129 5.11 -16.15 6.17
CA PHE A 129 5.75 -16.83 7.29
C PHE A 129 5.73 -18.36 7.16
N ILE A 130 4.75 -18.88 6.42
CA ILE A 130 4.69 -20.32 6.15
C ILE A 130 5.70 -20.70 5.08
N ALA A 131 5.73 -19.90 4.02
CA ALA A 131 6.65 -20.10 2.91
C ALA A 131 8.09 -20.07 3.38
N LYS A 132 8.36 -19.28 4.42
CA LYS A 132 9.71 -19.22 4.99
C LYS A 132 9.98 -20.44 5.88
N ARG A 133 8.93 -21.19 6.19
CA ARG A 133 9.11 -22.44 6.92
C ARG A 133 9.21 -23.62 5.96
N LEU A 134 8.71 -23.45 4.74
CA LEU A 134 9.00 -24.39 3.66
C LEU A 134 10.40 -24.16 3.12
N CYS A 135 10.91 -22.95 3.35
CA CYS A 135 12.15 -22.49 2.74
C CYS A 135 12.67 -21.27 3.49
N PRO A 136 13.54 -21.49 4.48
CA PRO A 136 14.03 -20.40 5.34
C PRO A 136 15.00 -19.46 4.63
N GLN A 137 15.54 -19.89 3.49
CA GLN A 137 16.47 -19.05 2.75
C GLN A 137 15.73 -18.12 1.79
N LEU A 138 14.40 -18.08 1.93
CA LEU A 138 13.57 -17.35 1.00
C LEU A 138 13.74 -15.85 1.15
N ILE A 139 13.79 -15.18 0.00
CA ILE A 139 13.84 -13.73 -0.03
C ILE A 139 12.45 -13.21 -0.41
N ILE A 140 11.81 -12.52 0.52
CA ILE A 140 10.50 -11.94 0.21
C ILE A 140 10.65 -10.47 -0.14
N VAL A 141 10.48 -10.15 -1.42
CA VAL A 141 10.63 -8.78 -1.90
C VAL A 141 9.27 -8.13 -2.12
N PRO A 142 9.07 -6.93 -1.55
CA PRO A 142 7.78 -6.23 -1.63
C PRO A 142 7.39 -5.93 -3.06
N PRO A 143 6.09 -5.95 -3.36
CA PRO A 143 5.61 -5.69 -4.73
C PRO A 143 5.66 -4.23 -5.18
N ASN A 144 5.98 -4.03 -6.45
CA ASN A 144 6.05 -2.71 -7.04
C ASN A 144 5.03 -2.60 -8.17
N PHE A 145 3.77 -2.45 -7.79
CA PHE A 145 2.62 -2.61 -8.68
C PHE A 145 2.67 -1.78 -9.97
N ASP A 146 3.19 -0.56 -9.88
CA ASP A 146 3.22 0.35 -11.01
C ASP A 146 4.20 -0.11 -12.09
N LYS A 147 5.32 -0.69 -11.67
CA LYS A 147 6.22 -1.37 -12.61
C LYS A 147 5.47 -2.44 -13.40
N TYR A 148 4.74 -3.28 -12.66
CA TYR A 148 4.01 -4.38 -13.27
C TYR A 148 2.99 -3.83 -14.27
N ARG A 149 2.42 -2.69 -13.96
CA ARG A 149 1.46 -2.08 -14.87
C ARG A 149 2.19 -1.54 -16.14
N ALA A 150 3.40 -1.01 -15.96
CA ALA A 150 4.14 -0.47 -17.10
C ALA A 150 4.55 -1.58 -18.08
N VAL A 151 5.16 -2.63 -17.52
CA VAL A 151 5.52 -3.80 -18.29
C VAL A 151 4.29 -4.37 -19.00
N SER A 152 3.19 -4.43 -18.26
CA SER A 152 1.91 -4.85 -18.83
C SER A 152 1.55 -4.02 -20.06
N LYS A 153 1.77 -2.71 -19.98
CA LYS A 153 1.50 -1.83 -21.11
C LYS A 153 2.37 -2.18 -22.30
N GLU A 154 3.66 -2.39 -22.06
CA GLU A 154 4.57 -2.81 -23.15
C GLU A 154 4.07 -4.07 -23.87
N VAL A 155 3.79 -5.11 -23.07
CA VAL A 155 3.30 -6.38 -23.61
C VAL A 155 2.01 -6.20 -24.40
N LYS A 156 1.06 -5.45 -23.85
CA LYS A 156 -0.18 -5.19 -24.58
C LYS A 156 0.10 -4.46 -25.91
N GLU A 157 1.09 -3.57 -25.89
CA GLU A 157 1.49 -2.89 -27.13
C GLU A 157 1.91 -3.88 -28.18
N ILE A 158 2.79 -4.82 -27.82
CA ILE A 158 3.10 -5.90 -28.77
C ILE A 158 1.85 -6.69 -29.22
N LEU A 159 1.05 -7.15 -28.27
CA LEU A 159 -0.16 -7.93 -28.57
C LEU A 159 -1.15 -7.25 -29.53
N ALA A 160 -1.18 -5.93 -29.52
CA ALA A 160 -2.16 -5.20 -30.35
C ALA A 160 -1.85 -5.31 -31.85
N ASP A 161 -0.62 -5.72 -32.18
CA ASP A 161 -0.23 -5.91 -33.57
C ASP A 161 -0.97 -7.06 -34.25
N TYR A 162 -1.30 -8.08 -33.46
CA TYR A 162 -1.80 -9.32 -34.01
C TYR A 162 -3.32 -9.41 -33.86
N ASP A 163 -3.81 -8.86 -32.76
CA ASP A 163 -5.25 -8.72 -32.56
C ASP A 163 -5.50 -7.39 -31.88
N PRO A 164 -5.98 -6.40 -32.65
CA PRO A 164 -6.34 -5.11 -32.07
C PRO A 164 -7.48 -5.25 -31.05
N ASN A 165 -8.45 -6.10 -31.36
CA ASN A 165 -9.59 -6.30 -30.49
C ASN A 165 -9.38 -7.46 -29.50
N PHE A 166 -8.14 -7.66 -29.07
CA PHE A 166 -7.82 -8.72 -28.12
C PHE A 166 -8.40 -8.43 -26.75
N MET A 167 -8.29 -9.40 -25.84
CA MET A 167 -8.95 -9.35 -24.55
C MET A 167 -7.97 -9.59 -23.39
N ALA A 168 -7.69 -8.54 -22.62
CA ALA A 168 -6.76 -8.66 -21.50
C ALA A 168 -7.46 -9.11 -20.23
N MET A 169 -7.00 -10.22 -19.66
CA MET A 169 -7.56 -10.76 -18.43
C MET A 169 -7.11 -9.96 -17.23
N SER A 170 -5.82 -10.09 -16.91
CA SER A 170 -5.21 -9.35 -15.83
C SER A 170 -4.08 -8.51 -16.40
N LEU A 171 -3.03 -8.31 -15.63
CA LEU A 171 -1.89 -7.56 -16.12
C LEU A 171 -0.99 -8.45 -16.95
N ASP A 172 -1.12 -9.77 -16.75
CA ASP A 172 -0.18 -10.69 -17.35
C ASP A 172 -0.80 -11.80 -18.19
N GLU A 173 -2.08 -11.66 -18.54
CA GLU A 173 -2.76 -12.73 -19.27
C GLU A 173 -3.59 -12.12 -20.39
N ALA A 174 -3.71 -12.82 -21.51
CA ALA A 174 -4.56 -12.31 -22.58
C ALA A 174 -4.95 -13.37 -23.59
N TYR A 175 -6.11 -13.15 -24.21
CA TYR A 175 -6.56 -13.96 -25.33
C TYR A 175 -6.46 -13.14 -26.60
N LEU A 176 -6.05 -13.79 -27.68
CA LEU A 176 -5.95 -13.16 -28.99
C LEU A 176 -6.64 -14.03 -30.02
N ASN A 177 -7.35 -13.39 -30.94
CA ASN A 177 -7.89 -14.08 -32.10
C ASN A 177 -7.06 -13.74 -33.33
N ILE A 178 -6.07 -14.58 -33.62
CA ILE A 178 -5.12 -14.28 -34.70
C ILE A 178 -5.48 -14.93 -36.03
N THR A 179 -6.77 -15.10 -36.28
CA THR A 179 -7.23 -15.73 -37.52
C THR A 179 -7.01 -14.75 -38.65
N LYS A 180 -7.49 -13.53 -38.43
CA LYS A 180 -7.35 -12.43 -39.35
C LYS A 180 -5.88 -12.21 -39.71
N HIS A 181 -5.05 -12.13 -38.68
CA HIS A 181 -3.64 -11.90 -38.87
C HIS A 181 -2.97 -13.04 -39.64
N LEU A 182 -3.28 -14.29 -39.31
CA LEU A 182 -2.71 -15.43 -40.04
C LEU A 182 -3.05 -15.30 -41.52
N GLU A 183 -4.33 -15.04 -41.78
CA GLU A 183 -4.84 -14.80 -43.12
C GLU A 183 -3.97 -13.80 -43.85
N GLU A 184 -3.83 -12.60 -43.27
CA GLU A 184 -3.05 -11.56 -43.94
C GLU A 184 -1.55 -11.81 -43.94
N ARG A 185 -1.11 -12.80 -43.16
CA ARG A 185 0.32 -13.03 -42.97
C ARG A 185 0.83 -14.12 -43.88
N GLN A 186 -0.08 -14.90 -44.44
CA GLN A 186 0.32 -15.93 -45.39
C GLN A 186 1.06 -15.31 -46.58
N ASN A 187 0.55 -14.19 -47.10
CA ASN A 187 1.19 -13.53 -48.22
C ASN A 187 2.03 -12.32 -47.76
N TRP A 188 2.92 -12.56 -46.81
CA TRP A 188 3.74 -11.49 -46.23
C TRP A 188 5.19 -11.66 -46.62
N PRO A 189 5.78 -10.64 -47.25
CA PRO A 189 7.21 -10.63 -47.60
C PRO A 189 8.08 -10.84 -46.36
N GLU A 190 9.30 -11.34 -46.59
CA GLU A 190 10.19 -11.73 -45.51
C GLU A 190 10.50 -10.58 -44.53
N ASP A 191 10.29 -9.34 -44.99
CA ASP A 191 10.73 -8.18 -44.23
C ASP A 191 9.67 -7.57 -43.32
N LYS A 192 8.46 -8.14 -43.33
CA LYS A 192 7.47 -7.83 -42.30
C LYS A 192 7.50 -8.87 -41.18
N ARG A 193 8.34 -9.88 -41.36
CA ARG A 193 8.49 -10.96 -40.39
C ARG A 193 9.90 -10.98 -39.83
N ARG A 194 10.61 -9.86 -39.98
CA ARG A 194 12.01 -9.79 -39.56
C ARG A 194 12.17 -8.89 -38.33
N TYR A 195 12.84 -9.41 -37.31
CA TYR A 195 13.09 -8.61 -36.12
C TYR A 195 14.56 -8.69 -35.70
N PHE A 196 15.05 -7.62 -35.09
CA PHE A 196 16.45 -7.54 -34.70
C PHE A 196 16.67 -7.99 -33.26
N ILE A 197 17.78 -8.69 -33.03
CA ILE A 197 18.16 -9.04 -31.67
C ILE A 197 18.83 -7.84 -31.00
N LYS A 198 18.43 -7.54 -29.77
CA LYS A 198 18.95 -6.39 -29.04
C LYS A 198 20.44 -6.54 -28.74
N GLN A 255 23.94 -5.08 -39.27
CA GLN A 255 22.57 -5.46 -39.01
C GLN A 255 22.48 -6.96 -38.71
N ASN A 256 21.78 -7.30 -37.63
CA ASN A 256 21.65 -8.68 -37.17
C ASN A 256 20.17 -9.06 -36.93
N SER A 257 19.64 -9.94 -37.78
CA SER A 257 18.23 -10.30 -37.75
C SER A 257 17.84 -11.77 -37.52
N VAL A 258 16.56 -11.96 -37.19
CA VAL A 258 15.90 -13.27 -37.29
C VAL A 258 14.56 -13.10 -38.01
N VAL A 259 14.06 -14.20 -38.58
CA VAL A 259 12.80 -14.19 -39.33
C VAL A 259 11.83 -15.25 -38.81
N PHE A 260 10.54 -15.01 -38.98
CA PHE A 260 9.55 -15.96 -38.49
C PHE A 260 8.58 -16.37 -39.59
N GLY A 261 8.06 -17.59 -39.49
CA GLY A 261 7.21 -18.15 -40.50
C GLY A 261 5.81 -17.56 -40.58
N THR A 262 4.93 -18.27 -41.28
CA THR A 262 3.55 -17.82 -41.47
C THR A 262 2.55 -18.72 -40.75
N SER A 263 3.06 -19.71 -40.03
CA SER A 263 2.21 -20.63 -39.29
C SER A 263 1.85 -20.03 -37.92
N ALA A 264 0.77 -20.51 -37.32
CA ALA A 264 0.34 -20.02 -36.02
C ALA A 264 1.44 -20.18 -34.98
N GLN A 265 2.04 -21.37 -34.97
CA GLN A 265 3.15 -21.68 -34.08
C GLN A 265 4.22 -20.59 -34.20
N GLU A 266 4.50 -20.22 -35.45
CA GLU A 266 5.52 -19.22 -35.75
C GLU A 266 5.13 -17.82 -35.31
N VAL A 267 3.89 -17.40 -35.62
CA VAL A 267 3.37 -16.13 -35.12
C VAL A 267 3.58 -16.02 -33.62
N VAL A 268 3.21 -17.09 -32.92
CA VAL A 268 3.36 -17.10 -31.48
C VAL A 268 4.83 -17.03 -31.01
N LYS A 269 5.75 -17.77 -31.64
CA LYS A 269 7.15 -17.61 -31.19
C LYS A 269 7.72 -16.22 -31.55
N GLU A 270 7.15 -15.60 -32.58
CA GLU A 270 7.48 -14.22 -32.90
C GLU A 270 7.07 -13.32 -31.75
N ILE A 271 5.80 -13.44 -31.34
CA ILE A 271 5.29 -12.63 -30.23
C ILE A 271 6.09 -12.83 -28.97
N ARG A 272 6.34 -14.08 -28.61
CA ARG A 272 7.13 -14.37 -27.43
C ARG A 272 8.54 -13.78 -27.54
N PHE A 273 9.11 -13.83 -28.75
CA PHE A 273 10.42 -13.26 -29.01
C PHE A 273 10.44 -11.75 -28.76
N ARG A 274 9.54 -11.05 -29.44
CA ARG A 274 9.38 -9.62 -29.26
C ARG A 274 9.19 -9.24 -27.79
N ILE A 275 8.36 -10.00 -27.07
CA ILE A 275 8.17 -9.79 -25.64
C ILE A 275 9.49 -9.91 -24.89
N GLU A 276 10.25 -10.97 -25.16
CA GLU A 276 11.53 -11.11 -24.46
C GLU A 276 12.51 -9.97 -24.80
N GLN A 277 12.47 -9.48 -26.04
CA GLN A 277 13.35 -8.40 -26.46
C GLN A 277 12.99 -7.09 -25.77
N LYS A 278 11.71 -6.75 -25.80
CA LYS A 278 11.23 -5.47 -25.28
CA LYS A 278 11.22 -5.47 -25.27
C LYS A 278 11.23 -5.42 -23.75
N THR A 279 10.94 -6.54 -23.10
CA THR A 279 10.78 -6.53 -21.64
C THR A 279 11.81 -7.34 -20.86
N THR A 280 12.55 -8.21 -21.55
CA THR A 280 13.51 -9.12 -20.89
C THR A 280 12.78 -10.12 -20.00
N LEU A 281 11.55 -10.45 -20.38
CA LEU A 281 10.75 -11.40 -19.63
C LEU A 281 10.15 -12.45 -20.57
N THR A 282 10.05 -13.67 -20.08
CA THR A 282 9.50 -14.76 -20.89
C THR A 282 8.02 -14.98 -20.64
N ALA A 283 7.31 -15.44 -21.67
CA ALA A 283 5.90 -15.77 -21.55
C ALA A 283 5.63 -17.17 -22.11
N SER A 284 4.60 -17.82 -21.61
CA SER A 284 4.12 -19.04 -22.24
C SER A 284 2.89 -18.74 -23.07
N ALA A 285 2.58 -19.63 -24.00
CA ALA A 285 1.42 -19.44 -24.85
C ALA A 285 0.73 -20.75 -25.19
N GLY A 286 -0.54 -20.65 -25.54
CA GLY A 286 -1.34 -21.80 -25.89
C GLY A 286 -2.09 -21.50 -27.16
N ILE A 287 -2.12 -22.45 -28.07
CA ILE A 287 -2.73 -22.23 -29.38
C ILE A 287 -3.80 -23.29 -29.63
N ALA A 288 -5.04 -22.87 -29.85
CA ALA A 288 -6.13 -23.81 -29.98
C ALA A 288 -7.32 -23.17 -30.67
N PRO A 289 -8.29 -23.97 -31.11
CA PRO A 289 -9.44 -23.38 -31.81
C PRO A 289 -10.47 -22.70 -30.90
N ASN A 290 -10.34 -22.83 -29.58
CA ASN A 290 -11.21 -22.06 -28.67
C ASN A 290 -10.50 -21.66 -27.37
N THR A 291 -11.10 -20.70 -26.66
CA THR A 291 -10.49 -20.09 -25.49
C THR A 291 -10.14 -21.06 -24.37
N MET A 292 -11.08 -21.94 -24.05
CA MET A 292 -10.89 -22.96 -23.01
C MET A 292 -9.65 -23.81 -23.28
N LEU A 293 -9.60 -24.31 -24.50
CA LEU A 293 -8.51 -25.17 -24.93
C LEU A 293 -7.18 -24.40 -24.87
N ALA A 294 -7.14 -23.22 -25.47
CA ALA A 294 -5.96 -22.34 -25.42
C ALA A 294 -5.44 -22.11 -24.01
N LYS A 295 -6.37 -21.83 -23.10
CA LYS A 295 -5.98 -21.57 -21.71
C LYS A 295 -5.41 -22.83 -21.06
N VAL A 296 -5.96 -23.99 -21.38
CA VAL A 296 -5.32 -25.21 -20.84
C VAL A 296 -3.93 -25.45 -21.45
N CYS A 297 -3.80 -25.16 -22.75
CA CYS A 297 -2.53 -25.30 -23.47
C CYS A 297 -1.40 -24.47 -22.88
N SER A 298 -1.64 -23.17 -22.73
CA SER A 298 -0.63 -22.24 -22.24
C SER A 298 0.11 -22.69 -20.99
N ASP A 299 -0.47 -23.64 -20.24
CA ASP A 299 0.15 -24.09 -19.01
C ASP A 299 0.98 -25.37 -19.15
N LYS A 300 0.84 -26.09 -20.27
CA LYS A 300 1.59 -27.33 -20.45
C LYS A 300 3.10 -27.05 -20.54
N ASN A 301 3.51 -26.30 -21.55
CA ASN A 301 4.93 -25.96 -21.69
C ASN A 301 5.34 -24.70 -20.95
N LYS A 302 5.10 -24.63 -19.66
CA LYS A 302 5.48 -23.48 -18.89
C LYS A 302 6.74 -23.85 -18.13
N PRO A 303 7.69 -22.95 -17.96
CA PRO A 303 7.60 -21.57 -18.47
C PRO A 303 8.30 -21.42 -19.80
N ASN A 304 8.08 -20.31 -20.48
CA ASN A 304 8.73 -20.01 -21.75
C ASN A 304 8.64 -21.18 -22.71
N GLY A 305 7.44 -21.40 -23.22
CA GLY A 305 7.18 -22.49 -24.13
C GLY A 305 5.78 -22.33 -24.66
N GLN A 306 5.43 -23.10 -25.67
CA GLN A 306 4.09 -23.02 -26.21
C GLN A 306 3.57 -24.40 -26.57
N TYR A 307 2.31 -24.45 -26.99
CA TYR A 307 1.70 -25.71 -27.37
C TYR A 307 0.49 -25.42 -28.24
N GLN A 308 0.36 -26.16 -29.34
CA GLN A 308 -0.78 -25.99 -30.21
C GLN A 308 -1.65 -27.23 -30.23
N ILE A 309 -2.95 -27.02 -30.31
CA ILE A 309 -3.89 -28.08 -30.64
C ILE A 309 -4.39 -27.79 -32.05
N LEU A 310 -4.04 -28.66 -33.00
CA LEU A 310 -4.36 -28.37 -34.40
C LEU A 310 -5.87 -28.44 -34.62
N PRO A 311 -6.40 -27.59 -35.52
CA PRO A 311 -7.85 -27.48 -35.69
C PRO A 311 -8.49 -28.68 -36.40
N ASN A 312 -8.34 -29.86 -35.80
CA ASN A 312 -9.11 -31.02 -36.19
C ASN A 312 -9.69 -31.72 -34.95
N ARG A 313 -10.94 -32.16 -35.06
CA ARG A 313 -11.69 -32.74 -33.94
C ARG A 313 -10.92 -33.84 -33.22
N GLN A 314 -10.15 -34.60 -33.99
CA GLN A 314 -9.40 -35.71 -33.43
C GLN A 314 -8.35 -35.21 -32.45
N ALA A 315 -7.64 -34.14 -32.81
CA ALA A 315 -6.62 -33.56 -31.94
C ALA A 315 -7.23 -33.09 -30.63
N VAL A 316 -8.33 -32.34 -30.74
CA VAL A 316 -9.12 -31.90 -29.60
C VAL A 316 -9.40 -33.07 -28.67
N MET A 317 -10.02 -34.12 -29.22
CA MET A 317 -10.39 -35.32 -28.45
C MET A 317 -9.20 -36.04 -27.81
N ASP A 318 -8.07 -36.10 -28.51
CA ASP A 318 -6.87 -36.74 -27.99
C ASP A 318 -6.36 -35.96 -26.80
N PHE A 319 -6.34 -34.64 -26.94
CA PHE A 319 -5.82 -33.78 -25.89
C PHE A 319 -6.71 -33.91 -24.65
N ILE A 320 -8.01 -33.80 -24.87
CA ILE A 320 -9.03 -33.94 -23.84
C ILE A 320 -9.03 -35.27 -23.08
N LYS A 321 -9.03 -36.39 -23.82
CA LYS A 321 -9.41 -37.69 -23.30
C LYS A 321 -8.82 -38.04 -21.93
N ASP A 322 -7.65 -37.51 -21.61
CA ASP A 322 -7.04 -37.78 -20.31
C ASP A 322 -6.66 -36.53 -19.54
N LEU A 323 -7.27 -35.41 -19.93
CA LEU A 323 -7.10 -34.13 -19.24
C LEU A 323 -7.86 -34.08 -17.92
N PRO A 324 -7.13 -33.91 -16.80
CA PRO A 324 -7.77 -33.75 -15.50
C PRO A 324 -8.73 -32.58 -15.51
N ILE A 325 -9.87 -32.72 -14.85
CA ILE A 325 -10.88 -31.68 -14.86
C ILE A 325 -10.41 -30.43 -14.12
N ARG A 326 -9.49 -30.62 -13.18
CA ARG A 326 -8.98 -29.55 -12.32
C ARG A 326 -8.27 -28.46 -13.13
N LYS A 327 -7.76 -28.85 -14.29
CA LYS A 327 -6.95 -27.98 -15.12
C LYS A 327 -7.75 -27.04 -16.00
N VAL A 328 -9.06 -27.26 -16.10
CA VAL A 328 -9.87 -26.36 -16.90
C VAL A 328 -10.32 -25.19 -16.02
N SER A 329 -10.48 -24.02 -16.64
CA SER A 329 -10.83 -22.81 -15.91
C SER A 329 -12.31 -22.86 -15.51
N GLY A 330 -12.57 -22.87 -14.21
CA GLY A 330 -13.93 -22.99 -13.70
C GLY A 330 -14.08 -24.12 -12.70
N ILE A 331 -13.18 -25.09 -12.78
CA ILE A 331 -13.23 -26.24 -11.88
C ILE A 331 -12.17 -26.10 -10.81
N GLY A 332 -12.59 -25.66 -9.63
CA GLY A 332 -11.66 -25.46 -8.54
C GLY A 332 -11.57 -26.67 -7.65
N LYS A 333 -11.05 -26.46 -6.43
CA LYS A 333 -10.84 -27.54 -5.48
C LYS A 333 -12.13 -28.31 -5.18
N VAL A 334 -13.18 -27.57 -4.82
CA VAL A 334 -14.46 -28.15 -4.45
C VAL A 334 -15.12 -28.98 -5.54
N THR A 335 -15.41 -28.35 -6.68
CA THR A 335 -16.02 -29.06 -7.81
C THR A 335 -15.20 -30.29 -8.15
N GLU A 336 -13.88 -30.18 -8.10
CA GLU A 336 -13.00 -31.33 -8.31
C GLU A 336 -13.28 -32.43 -7.30
N LYS A 337 -13.45 -32.07 -6.03
CA LYS A 337 -13.74 -33.08 -5.00
C LYS A 337 -15.10 -33.75 -5.19
N MET A 338 -16.12 -32.96 -5.49
CA MET A 338 -17.45 -33.49 -5.73
C MET A 338 -17.51 -34.41 -6.93
N LEU A 339 -16.85 -34.01 -8.02
CA LEU A 339 -16.84 -34.85 -9.21
C LEU A 339 -15.99 -36.09 -8.97
N LYS A 340 -14.98 -35.95 -8.13
CA LYS A 340 -14.14 -37.09 -7.78
C LYS A 340 -14.94 -38.09 -6.95
N ALA A 341 -15.90 -37.59 -6.17
CA ALA A 341 -16.79 -38.46 -5.41
C ALA A 341 -17.59 -39.40 -6.31
N LEU A 342 -17.86 -38.94 -7.54
CA LEU A 342 -18.62 -39.74 -8.50
C LEU A 342 -17.69 -40.56 -9.37
N GLY A 343 -16.41 -40.60 -8.99
CA GLY A 343 -15.39 -41.28 -9.76
C GLY A 343 -15.01 -40.57 -11.06
N ILE A 344 -15.31 -39.28 -11.13
CA ILE A 344 -14.95 -38.48 -12.31
C ILE A 344 -13.64 -37.72 -12.07
N ILE A 345 -12.63 -37.98 -12.89
CA ILE A 345 -11.37 -37.28 -12.75
C ILE A 345 -10.99 -36.54 -14.04
N THR A 346 -11.24 -37.19 -15.17
CA THR A 346 -10.83 -36.65 -16.45
C THR A 346 -12.05 -36.26 -17.28
N CYS A 347 -11.82 -35.70 -18.45
CA CYS A 347 -12.94 -35.19 -19.26
C CYS A 347 -13.69 -36.31 -19.97
N THR A 348 -13.02 -37.46 -20.13
CA THR A 348 -13.68 -38.63 -20.70
C THR A 348 -14.80 -39.06 -19.75
N GLU A 349 -14.43 -39.21 -18.48
CA GLU A 349 -15.38 -39.61 -17.46
C GLU A 349 -16.44 -38.54 -17.24
N LEU A 350 -16.07 -37.28 -17.43
CA LEU A 350 -17.05 -36.20 -17.41
C LEU A 350 -18.05 -36.37 -18.54
N TYR A 351 -17.60 -36.91 -19.67
CA TYR A 351 -18.53 -37.12 -20.78
C TYR A 351 -19.42 -38.34 -20.55
N GLN A 352 -18.84 -39.42 -20.02
CA GLN A 352 -19.57 -40.65 -19.79
C GLN A 352 -20.78 -40.44 -18.87
N GLN A 353 -20.56 -39.71 -17.79
CA GLN A 353 -21.55 -39.58 -16.74
C GLN A 353 -22.48 -38.39 -16.96
N ARG A 354 -22.57 -37.92 -18.20
CA ARG A 354 -23.38 -36.74 -18.53
C ARG A 354 -24.83 -36.77 -18.04
N ALA A 355 -25.50 -37.90 -18.14
CA ALA A 355 -26.89 -38.00 -17.72
C ALA A 355 -27.02 -37.87 -16.20
N LEU A 356 -26.22 -38.68 -15.50
CA LEU A 356 -26.13 -38.63 -14.05
C LEU A 356 -25.90 -37.19 -13.57
N LEU A 357 -25.03 -36.48 -14.27
CA LEU A 357 -24.74 -35.07 -13.97
C LEU A 357 -25.94 -34.18 -14.28
N SER A 358 -26.69 -34.54 -15.32
CA SER A 358 -27.93 -33.84 -15.64
C SER A 358 -28.94 -33.96 -14.50
N LEU A 359 -28.88 -35.09 -13.79
CA LEU A 359 -29.81 -35.28 -12.67
C LEU A 359 -29.27 -34.71 -11.35
N LEU A 360 -27.95 -34.66 -11.21
CA LEU A 360 -27.32 -34.21 -9.97
C LEU A 360 -27.06 -32.70 -9.90
N PHE A 361 -26.85 -32.05 -11.04
CA PHE A 361 -26.49 -30.64 -11.05
C PHE A 361 -27.51 -29.81 -11.80
N SER A 362 -27.46 -28.50 -11.62
CA SER A 362 -28.38 -27.62 -12.31
C SER A 362 -28.07 -27.58 -13.78
N GLU A 363 -28.97 -27.00 -14.56
CA GLU A 363 -28.84 -26.91 -16.01
C GLU A 363 -27.54 -26.23 -16.43
N THR A 364 -27.20 -25.12 -15.76
CA THR A 364 -26.00 -24.34 -16.10
C THR A 364 -24.72 -25.16 -15.89
N SER A 365 -24.68 -25.86 -14.76
CA SER A 365 -23.51 -26.64 -14.41
C SER A 365 -23.28 -27.83 -15.33
N TRP A 366 -24.32 -28.57 -15.69
CA TRP A 366 -24.09 -29.76 -16.51
C TRP A 366 -23.99 -29.36 -17.97
N HIS A 367 -24.61 -28.26 -18.36
CA HIS A 367 -24.34 -27.67 -19.67
C HIS A 367 -22.85 -27.36 -19.79
N TYR A 368 -22.35 -26.61 -18.82
CA TYR A 368 -20.93 -26.29 -18.77
C TYR A 368 -20.08 -27.56 -18.83
N PHE A 369 -20.35 -28.50 -17.94
CA PHE A 369 -19.61 -29.75 -17.88
C PHE A 369 -19.59 -30.43 -19.25
N LEU A 370 -20.70 -30.34 -19.97
CA LEU A 370 -20.79 -31.01 -21.25
C LEU A 370 -19.93 -30.29 -22.28
N HIS A 371 -19.96 -28.96 -22.27
CA HIS A 371 -19.07 -28.18 -23.12
C HIS A 371 -17.63 -28.56 -22.89
N ILE A 372 -17.24 -28.65 -21.63
CA ILE A 372 -15.89 -29.07 -21.28
C ILE A 372 -15.57 -30.46 -21.82
N SER A 373 -16.50 -31.40 -21.65
CA SER A 373 -16.26 -32.79 -22.03
C SER A 373 -16.22 -32.98 -23.54
N LEU A 374 -16.81 -32.04 -24.28
CA LEU A 374 -16.70 -32.04 -25.74
C LEU A 374 -15.58 -31.15 -26.28
N GLY A 375 -14.94 -30.38 -25.41
CA GLY A 375 -13.85 -29.49 -25.81
C GLY A 375 -14.28 -28.26 -26.56
N LEU A 376 -15.52 -27.86 -26.34
CA LEU A 376 -16.03 -26.63 -26.91
C LEU A 376 -15.65 -25.45 -26.02
N GLY A 377 -15.86 -24.25 -26.52
CA GLY A 377 -15.53 -23.05 -25.77
C GLY A 377 -15.78 -21.89 -26.72
N SER A 378 -15.63 -20.66 -26.23
CA SER A 378 -15.85 -19.52 -27.10
C SER A 378 -14.76 -19.47 -28.17
N THR A 379 -15.14 -19.07 -29.37
CA THR A 379 -14.21 -19.00 -30.48
C THR A 379 -14.22 -17.57 -30.97
N HIS A 380 -14.89 -16.73 -30.19
CA HIS A 380 -15.05 -15.33 -30.49
C HIS A 380 -14.83 -14.53 -29.21
N LEU A 381 -13.81 -13.67 -29.24
CA LEU A 381 -13.46 -12.88 -28.08
C LEU A 381 -14.41 -11.70 -27.90
N THR A 382 -15.16 -11.69 -26.79
CA THR A 382 -16.18 -10.66 -26.60
C THR A 382 -15.58 -9.43 -25.91
N ARG A 383 -15.88 -8.26 -26.43
CA ARG A 383 -15.37 -6.99 -25.92
C ARG A 383 -15.54 -6.84 -24.40
N ASP A 384 -14.45 -6.49 -23.72
CA ASP A 384 -14.45 -6.29 -22.27
C ASP A 384 -15.60 -5.38 -21.85
N GLY A 385 -16.62 -5.99 -21.27
CA GLY A 385 -17.88 -5.33 -20.93
C GLY A 385 -17.81 -4.31 -19.81
N GLU A 386 -18.95 -3.68 -19.54
CA GLU A 386 -19.04 -2.71 -18.46
C GLU A 386 -19.12 -3.49 -17.15
N ARG A 387 -18.58 -2.90 -16.09
CA ARG A 387 -18.48 -3.59 -14.81
C ARG A 387 -19.84 -3.69 -14.11
N LYS A 388 -19.92 -4.55 -13.11
CA LYS A 388 -21.19 -4.83 -12.46
C LYS A 388 -21.12 -4.55 -10.95
N SER A 389 -19.91 -4.41 -10.43
CA SER A 389 -19.72 -4.07 -9.03
C SER A 389 -18.40 -3.34 -8.80
N MET A 390 -18.29 -2.70 -7.64
CA MET A 390 -17.04 -2.07 -7.23
C MET A 390 -16.94 -2.11 -5.71
N SER A 391 -15.75 -2.33 -5.18
CA SER A 391 -15.66 -2.63 -3.76
C SER A 391 -14.28 -2.39 -3.17
N VAL A 392 -14.26 -1.94 -1.92
CA VAL A 392 -13.00 -1.82 -1.19
C VAL A 392 -13.10 -2.64 0.08
N GLU A 393 -12.05 -3.39 0.38
CA GLU A 393 -12.01 -4.10 1.65
C GLU A 393 -10.59 -4.17 2.20
N ARG A 394 -10.49 -4.19 3.52
CA ARG A 394 -9.20 -4.08 4.19
C ARG A 394 -9.10 -5.03 5.38
N THR A 395 -7.96 -5.72 5.46
CA THR A 395 -7.63 -6.53 6.63
C THR A 395 -6.77 -5.73 7.61
N PHE A 396 -7.06 -5.89 8.90
CA PHE A 396 -6.31 -5.22 9.96
C PHE A 396 -6.22 -6.10 11.19
N SER A 397 -5.33 -5.74 12.11
CA SER A 397 -5.32 -6.42 13.39
C SER A 397 -6.61 -6.03 14.12
N GLU A 398 -7.03 -6.85 15.07
CA GLU A 398 -8.37 -6.81 15.65
C GLU A 398 -8.92 -5.41 15.96
N ILE A 399 -10.20 -5.21 15.69
CA ILE A 399 -10.91 -3.98 16.07
C ILE A 399 -12.20 -4.29 16.85
N ASN A 400 -12.26 -3.88 18.11
CA ASN A 400 -13.41 -4.16 18.99
C ASN A 400 -14.36 -2.99 19.14
N LYS A 401 -13.80 -1.79 19.22
CA LYS A 401 -14.60 -0.62 19.58
C LYS A 401 -15.48 -0.15 18.43
N ALA A 402 -16.79 -0.13 18.70
CA ALA A 402 -17.79 0.24 17.71
C ALA A 402 -17.50 1.56 16.98
N GLU A 403 -17.09 2.60 17.71
CA GLU A 403 -16.85 3.89 17.08
C GLU A 403 -15.75 3.80 16.03
N GLU A 404 -14.75 2.98 16.32
CA GLU A 404 -13.65 2.74 15.40
C GLU A 404 -14.14 1.99 14.16
N GLN A 405 -15.02 1.01 14.36
CA GLN A 405 -15.63 0.27 13.25
C GLN A 405 -16.46 1.19 12.35
N TYR A 406 -17.25 2.08 12.95
CA TYR A 406 -17.99 3.06 12.18
C TYR A 406 -17.05 3.96 11.39
N SER A 407 -15.96 4.39 12.02
CA SER A 407 -14.98 5.24 11.35
C SER A 407 -14.34 4.53 10.15
N LEU A 408 -13.97 3.27 10.37
CA LEU A 408 -13.42 2.40 9.34
C LEU A 408 -14.37 2.33 8.15
N CYS A 409 -15.64 2.08 8.46
CA CYS A 409 -16.68 2.06 7.45
C CYS A 409 -16.72 3.36 6.66
N GLN A 410 -16.65 4.47 7.38
CA GLN A 410 -16.73 5.78 6.75
C GLN A 410 -15.60 5.99 5.77
N GLU A 411 -14.41 5.57 6.18
CA GLU A 411 -13.22 5.66 5.34
C GLU A 411 -13.35 4.82 4.07
N LEU A 412 -13.74 3.55 4.25
CA LEU A 412 -13.91 2.66 3.11
C LEU A 412 -14.92 3.22 2.13
N CYS A 413 -16.04 3.69 2.66
CA CYS A 413 -17.06 4.36 1.86
C CYS A 413 -16.48 5.54 1.10
N SER A 414 -15.61 6.32 1.74
CA SER A 414 -14.94 7.43 1.08
C SER A 414 -14.13 6.97 -0.13
N GLU A 415 -13.21 6.02 0.10
CA GLU A 415 -12.41 5.50 -1.02
C GLU A 415 -13.31 5.02 -2.15
N LEU A 416 -14.40 4.34 -1.79
CA LEU A 416 -15.31 3.81 -2.79
C LEU A 416 -15.94 4.93 -3.61
N ALA A 417 -16.44 5.96 -2.92
CA ALA A 417 -16.99 7.13 -3.57
C ALA A 417 -15.95 7.75 -4.53
N GLN A 418 -14.70 7.69 -4.12
CA GLN A 418 -13.62 8.19 -4.96
C GLN A 418 -13.47 7.38 -6.25
N ASP A 419 -13.50 6.05 -6.14
CA ASP A 419 -13.37 5.19 -7.31
C ASP A 419 -14.58 5.33 -8.27
N LEU A 420 -15.77 5.32 -7.69
CA LEU A 420 -16.99 5.60 -8.43
C LEU A 420 -16.85 6.91 -9.18
N GLN A 421 -16.32 7.92 -8.49
CA GLN A 421 -16.02 9.20 -9.11
C GLN A 421 -15.10 9.01 -10.32
N LYS A 422 -14.02 8.24 -10.14
CA LYS A 422 -13.14 7.91 -11.27
C LYS A 422 -13.89 7.39 -12.48
N GLU A 423 -14.80 6.45 -12.27
CA GLU A 423 -15.55 5.95 -13.44
C GLU A 423 -16.95 6.54 -13.62
N ARG A 424 -17.26 7.59 -12.87
CA ARG A 424 -18.54 8.31 -12.99
C ARG A 424 -19.74 7.38 -12.76
N LEU A 425 -19.57 6.41 -11.86
CA LEU A 425 -20.57 5.36 -11.70
C LEU A 425 -21.52 5.63 -10.54
N LYS A 426 -22.76 5.21 -10.73
CA LYS A 426 -23.81 5.44 -9.75
C LYS A 426 -24.64 4.17 -9.63
N GLY A 427 -24.75 3.65 -8.42
CA GLY A 427 -25.50 2.41 -8.22
C GLY A 427 -26.39 2.46 -7.01
N ARG A 428 -27.18 1.41 -6.83
CA ARG A 428 -28.20 1.43 -5.79
C ARG A 428 -28.24 0.20 -4.86
N THR A 429 -27.20 -0.62 -4.88
CA THR A 429 -27.09 -1.69 -3.89
C THR A 429 -25.78 -1.55 -3.13
N VAL A 430 -25.87 -1.47 -1.80
CA VAL A 430 -24.67 -1.36 -0.99
C VAL A 430 -24.54 -2.57 -0.09
N THR A 431 -23.39 -3.23 -0.15
CA THR A 431 -23.14 -4.40 0.65
C THR A 431 -21.95 -4.16 1.56
N ILE A 432 -22.09 -4.49 2.84
CA ILE A 432 -20.94 -4.48 3.71
C ILE A 432 -20.48 -5.92 3.90
N LYS A 433 -19.18 -6.07 4.14
CA LYS A 433 -18.58 -7.38 4.33
C LYS A 433 -17.86 -7.35 5.66
N LEU A 434 -18.02 -8.41 6.45
CA LEU A 434 -17.42 -8.46 7.77
C LEU A 434 -16.81 -9.83 8.01
N LYS A 435 -15.54 -9.83 8.40
CA LYS A 435 -14.80 -11.05 8.63
C LYS A 435 -14.30 -10.98 10.06
N ASN A 436 -14.74 -11.89 10.93
CA ASN A 436 -14.28 -11.84 12.33
C ASN A 436 -12.98 -12.62 12.53
N VAL A 437 -12.50 -12.65 13.77
CA VAL A 437 -11.16 -13.17 14.04
C VAL A 437 -11.06 -14.70 13.96
N ASN A 438 -12.18 -15.37 13.80
CA ASN A 438 -12.18 -16.80 13.59
C ASN A 438 -12.35 -17.09 12.11
N PHE A 439 -12.31 -16.00 11.34
CA PHE A 439 -12.28 -16.00 9.87
C PHE A 439 -13.65 -16.25 9.26
N GLU A 440 -14.70 -16.12 10.07
CA GLU A 440 -16.05 -16.26 9.58
C GLU A 440 -16.51 -14.98 8.88
N VAL A 441 -16.95 -15.13 7.64
CA VAL A 441 -17.34 -14.00 6.81
C VAL A 441 -18.86 -13.91 6.70
N LYS A 442 -19.38 -12.70 6.74
CA LYS A 442 -20.78 -12.48 6.40
C LYS A 442 -20.98 -11.15 5.70
N THR A 443 -21.96 -11.10 4.81
CA THR A 443 -22.25 -9.89 4.05
C THR A 443 -23.68 -9.45 4.32
N ARG A 444 -23.93 -8.16 4.18
CA ARG A 444 -25.29 -7.63 4.38
C ARG A 444 -25.52 -6.54 3.36
N ALA A 445 -26.62 -6.60 2.63
CA ALA A 445 -26.84 -5.64 1.56
C ALA A 445 -28.12 -4.83 1.74
N SER A 446 -28.22 -3.78 0.93
CA SER A 446 -29.42 -2.97 0.87
C SER A 446 -29.56 -2.36 -0.52
N THR A 447 -30.71 -2.60 -1.13
CA THR A 447 -31.02 -1.97 -2.41
C THR A 447 -31.97 -0.82 -2.15
N VAL A 448 -31.69 0.33 -2.76
CA VAL A 448 -32.51 1.52 -2.54
C VAL A 448 -33.08 2.05 -3.84
N SER A 449 -34.10 2.90 -3.73
CA SER A 449 -34.87 3.38 -4.87
C SER A 449 -33.97 4.09 -5.90
N SER A 450 -33.35 5.19 -5.49
CA SER A 450 -32.54 5.98 -6.41
C SER A 450 -31.06 5.61 -6.31
N VAL A 451 -30.33 5.78 -7.40
CA VAL A 451 -28.89 5.49 -7.39
C VAL A 451 -28.13 6.39 -6.41
N VAL A 452 -26.95 5.93 -6.02
CA VAL A 452 -26.17 6.53 -4.95
C VAL A 452 -24.72 6.63 -5.43
N SER A 453 -23.96 7.61 -4.93
CA SER A 453 -22.62 7.85 -5.48
C SER A 453 -21.58 8.43 -4.52
N THR A 454 -22.00 9.35 -3.66
CA THR A 454 -21.05 10.06 -2.81
C THR A 454 -20.80 9.31 -1.51
N ALA A 455 -19.77 9.71 -0.79
CA ALA A 455 -19.37 9.00 0.42
C ALA A 455 -20.45 9.10 1.50
N GLU A 456 -21.21 10.19 1.46
CA GLU A 456 -22.25 10.43 2.45
C GLU A 456 -23.41 9.44 2.34
N GLU A 457 -23.84 9.15 1.12
CA GLU A 457 -24.98 8.24 0.89
C GLU A 457 -24.59 6.81 1.25
N ILE A 458 -23.52 6.36 0.63
CA ILE A 458 -22.97 5.04 0.87
C ILE A 458 -22.77 4.82 2.36
N PHE A 459 -22.19 5.81 3.02
CA PHE A 459 -22.03 5.68 4.47
C PHE A 459 -23.39 5.66 5.15
N ALA A 460 -24.36 6.41 4.65
CA ALA A 460 -25.69 6.42 5.24
C ALA A 460 -26.24 5.00 5.31
N ILE A 461 -26.14 4.27 4.21
CA ILE A 461 -26.61 2.87 4.21
C ILE A 461 -25.76 1.89 5.03
N ALA A 462 -24.46 1.89 4.73
CA ALA A 462 -23.52 0.96 5.35
C ALA A 462 -23.50 1.10 6.87
N LYS A 463 -23.64 2.33 7.31
CA LYS A 463 -23.66 2.63 8.69
C LYS A 463 -24.76 1.86 9.41
N GLU A 464 -25.97 1.82 8.85
CA GLU A 464 -27.07 1.16 9.53
C GLU A 464 -27.05 -0.34 9.30
N LEU A 465 -26.47 -0.81 8.20
CA LEU A 465 -26.23 -2.26 8.11
C LEU A 465 -25.30 -2.76 9.25
N LEU A 466 -24.23 -1.99 9.44
CA LEU A 466 -23.25 -2.28 10.48
C LEU A 466 -23.90 -2.15 11.84
N LYS A 467 -24.66 -1.09 12.03
CA LYS A 467 -25.47 -0.88 13.22
C LYS A 467 -26.28 -2.12 13.54
N THR A 468 -26.98 -2.61 12.53
CA THR A 468 -27.75 -3.85 12.66
C THR A 468 -26.90 -5.02 13.12
N GLU A 469 -25.68 -5.16 12.61
CA GLU A 469 -24.88 -6.30 13.08
C GLU A 469 -24.39 -6.15 14.54
N ILE A 470 -23.95 -4.93 14.85
CA ILE A 470 -23.45 -4.59 16.18
C ILE A 470 -24.53 -4.85 17.23
N ASP A 471 -25.73 -4.37 16.95
CA ASP A 471 -26.89 -4.56 17.81
C ASP A 471 -27.24 -6.03 17.90
N ALA A 472 -27.38 -6.67 16.75
CA ALA A 472 -27.63 -8.11 16.67
C ALA A 472 -26.71 -8.93 17.57
N ASP A 473 -25.47 -8.48 17.78
CA ASP A 473 -24.58 -9.23 18.65
C ASP A 473 -24.56 -8.74 20.12
N PHE A 474 -25.10 -7.54 20.36
CA PHE A 474 -25.17 -6.93 21.70
C PHE A 474 -25.55 -7.90 22.82
N PRO A 475 -24.89 -7.79 23.99
CA PRO A 475 -23.95 -6.73 24.39
C PRO A 475 -22.51 -7.02 23.99
N HIS A 476 -22.31 -7.92 23.04
CA HIS A 476 -20.96 -8.33 22.63
C HIS A 476 -20.38 -7.38 21.58
N PRO A 477 -19.06 -7.15 21.65
CA PRO A 477 -18.38 -6.39 20.61
C PRO A 477 -18.09 -7.26 19.40
N LEU A 478 -18.17 -6.69 18.20
CA LEU A 478 -17.72 -7.39 17.02
C LEU A 478 -16.21 -7.45 17.08
N ARG A 479 -15.66 -8.64 16.88
CA ARG A 479 -14.21 -8.78 16.84
C ARG A 479 -13.79 -8.97 15.39
N LEU A 480 -13.54 -7.86 14.71
CA LEU A 480 -13.31 -7.89 13.28
C LEU A 480 -11.82 -7.97 12.92
N ARG A 481 -11.55 -8.62 11.80
CA ARG A 481 -10.20 -8.70 11.23
C ARG A 481 -10.20 -8.13 9.82
N LEU A 482 -11.38 -7.96 9.24
CA LEU A 482 -11.50 -7.40 7.90
C LEU A 482 -12.83 -6.68 7.77
N MET A 483 -12.87 -5.66 6.91
CA MET A 483 -14.14 -4.97 6.68
C MET A 483 -14.17 -4.49 5.25
N GLY A 484 -15.34 -4.54 4.62
CA GLY A 484 -15.45 -4.13 3.23
C GLY A 484 -16.75 -3.45 2.93
N VAL A 485 -16.76 -2.62 1.90
CA VAL A 485 -17.99 -2.03 1.41
C VAL A 485 -18.02 -2.18 -0.11
N ARG A 486 -19.19 -2.52 -0.64
CA ARG A 486 -19.36 -2.89 -2.03
C ARG A 486 -20.64 -2.28 -2.61
N ILE A 487 -20.57 -1.82 -3.86
CA ILE A 487 -21.73 -1.24 -4.52
C ILE A 487 -21.94 -1.85 -5.91
N SER A 488 -23.21 -1.98 -6.28
CA SER A 488 -23.61 -2.60 -7.54
C SER A 488 -24.96 -2.06 -7.99
N SER A 489 -25.60 -2.78 -8.90
CA SER A 489 -26.89 -2.39 -9.46
C SER A 489 -26.77 -1.10 -10.24
N PHE A 490 -25.81 -1.08 -11.15
CA PHE A 490 -25.65 0.05 -12.05
C PHE A 490 -26.73 -0.02 -13.13
N PRO A 491 -27.01 1.12 -13.77
CA PRO A 491 -28.03 1.18 -14.83
C PRO A 491 -27.72 0.29 -16.04
N ASN A 492 -28.67 0.21 -16.97
CA ASN A 492 -28.50 -0.55 -18.21
C ASN A 492 -28.39 0.39 -19.40
N LEU B 5 22.26 -2.38 25.27
CA LEU B 5 23.13 -1.72 24.31
C LEU B 5 23.49 -0.29 24.75
N ASP B 6 24.70 0.13 24.43
CA ASP B 6 25.17 1.50 24.64
C ASP B 6 25.18 2.21 23.28
N LYS B 7 25.65 3.45 23.24
CA LYS B 7 25.74 4.15 21.94
C LYS B 7 26.63 3.35 20.99
N GLU B 8 27.75 2.85 21.50
CA GLU B 8 28.58 1.89 20.78
C GLU B 8 27.79 0.58 20.70
N LYS B 9 28.35 -0.43 20.03
CA LYS B 9 27.62 -1.69 19.77
C LYS B 9 26.42 -1.41 18.85
N ILE B 10 25.62 -0.40 19.20
CA ILE B 10 24.61 0.14 18.29
C ILE B 10 25.27 0.72 17.04
N ASN B 11 26.02 1.81 17.23
CA ASN B 11 26.70 2.47 16.12
C ASN B 11 27.65 1.50 15.42
N LYS B 12 28.23 0.62 16.22
CA LYS B 12 29.11 -0.44 15.73
C LYS B 12 28.39 -1.38 14.76
N ILE B 13 27.25 -1.91 15.18
CA ILE B 13 26.52 -2.87 14.36
C ILE B 13 25.93 -2.21 13.12
N ILE B 14 25.38 -1.01 13.29
CA ILE B 14 24.90 -0.21 12.15
C ILE B 14 26.01 -0.04 11.12
N MET B 15 27.14 0.52 11.54
CA MET B 15 28.25 0.77 10.63
C MET B 15 28.76 -0.52 9.97
N GLU B 16 28.87 -1.58 10.77
CA GLU B 16 29.37 -2.86 10.28
C GLU B 16 28.44 -3.46 9.23
N ALA B 17 27.14 -3.19 9.37
CA ALA B 17 26.15 -3.76 8.47
C ALA B 17 25.85 -2.84 7.28
N THR B 18 26.29 -1.59 7.35
CA THR B 18 25.91 -0.60 6.35
C THR B 18 27.05 -0.16 5.43
N LYS B 19 28.29 -0.30 5.90
CA LYS B 19 29.49 0.17 5.20
C LYS B 19 29.59 -0.33 3.75
N GLY B 20 29.90 0.59 2.84
CA GLY B 20 30.11 0.25 1.44
C GLY B 20 28.83 0.12 0.64
N SER B 21 27.71 0.49 1.24
CA SER B 21 26.44 0.52 0.52
C SER B 21 26.44 1.71 -0.44
N ARG B 22 25.44 1.75 -1.32
CA ARG B 22 25.30 2.90 -2.21
CA ARG B 22 25.26 2.89 -2.22
C ARG B 22 24.73 4.07 -1.42
N PHE B 23 23.76 3.75 -0.56
CA PHE B 23 23.15 4.68 0.37
C PHE B 23 24.22 5.32 1.25
N TYR B 24 25.02 4.46 1.87
CA TYR B 24 26.10 4.88 2.75
C TYR B 24 27.05 5.84 2.05
N GLY B 25 27.40 5.51 0.81
CA GLY B 25 28.18 6.38 -0.04
C GLY B 25 27.55 7.74 -0.21
N ASN B 26 26.26 7.76 -0.57
CA ASN B 26 25.57 9.03 -0.78
C ASN B 26 25.55 9.87 0.49
N GLU B 27 25.49 9.18 1.63
CA GLU B 27 25.54 9.86 2.93
C GLU B 27 26.92 10.47 3.19
N LEU B 28 27.97 9.74 2.79
CA LEU B 28 29.32 10.30 2.88
C LEU B 28 29.43 11.56 2.03
N LYS B 29 28.92 11.49 0.80
CA LYS B 29 28.88 12.67 -0.07
C LYS B 29 28.16 13.86 0.58
N LYS B 30 26.96 13.61 1.12
CA LYS B 30 26.18 14.69 1.73
C LYS B 30 26.91 15.30 2.92
N GLU B 31 27.47 14.45 3.77
CA GLU B 31 28.21 14.93 4.92
C GLU B 31 29.42 15.76 4.50
N LYS B 32 30.18 15.26 3.54
CA LYS B 32 31.27 16.02 2.94
C LYS B 32 30.80 17.41 2.52
N GLN B 33 29.62 17.46 1.90
CA GLN B 33 29.03 18.75 1.52
C GLN B 33 28.76 19.66 2.72
N VAL B 34 28.25 19.09 3.81
CA VAL B 34 27.94 19.90 4.98
C VAL B 34 29.22 20.44 5.60
N ASN B 35 30.19 19.57 5.77
CA ASN B 35 31.54 19.96 6.18
C ASN B 35 32.10 21.09 5.33
N GLN B 36 31.91 21.02 4.02
CA GLN B 36 32.29 22.13 3.15
C GLN B 36 31.57 23.42 3.54
N ARG B 37 30.25 23.37 3.67
CA ARG B 37 29.50 24.56 4.11
C ARG B 37 30.02 25.16 5.42
N ILE B 38 30.41 24.28 6.34
CA ILE B 38 30.86 24.70 7.66
C ILE B 38 32.23 25.36 7.54
N GLU B 39 33.13 24.71 6.80
CA GLU B 39 34.43 25.29 6.47
C GLU B 39 34.29 26.69 5.90
N ASN B 40 33.41 26.84 4.92
CA ASN B 40 33.14 28.15 4.35
C ASN B 40 32.65 29.15 5.39
N MET B 41 31.75 28.72 6.28
CA MET B 41 31.25 29.61 7.32
C MET B 41 32.35 30.06 8.27
N MET B 42 33.26 29.14 8.60
CA MET B 42 34.40 29.45 9.45
C MET B 42 35.33 30.44 8.77
N GLN B 43 35.59 30.22 7.49
CA GLN B 43 36.39 31.17 6.74
C GLN B 43 35.69 32.53 6.62
N GLN B 44 34.37 32.55 6.71
CA GLN B 44 33.65 33.82 6.69
C GLN B 44 33.69 34.52 8.06
N LYS B 45 33.81 33.73 9.13
CA LYS B 45 33.94 34.27 10.48
C LYS B 45 35.27 35.02 10.61
N ALA B 46 36.34 34.38 10.16
CA ALA B 46 37.69 34.94 10.18
C ALA B 46 37.81 36.37 9.59
N GLN B 47 37.02 36.68 8.57
CA GLN B 47 37.08 38.02 7.98
C GLN B 47 36.12 39.02 8.62
N ILE B 48 35.76 38.77 9.88
CA ILE B 48 34.86 39.66 10.60
C ILE B 48 35.69 40.52 11.55
N THR B 49 35.51 41.83 11.45
CA THR B 49 36.22 42.74 12.34
C THR B 49 35.37 43.06 13.56
N SER B 50 36.02 43.31 14.70
CA SER B 50 35.32 43.67 15.93
C SER B 50 34.41 44.89 15.75
N GLN B 51 34.71 45.72 14.75
CA GLN B 51 33.94 46.93 14.47
C GLN B 51 32.52 46.59 13.98
N GLN B 52 32.46 45.89 12.85
CA GLN B 52 31.19 45.47 12.25
C GLN B 52 30.44 44.53 13.21
N LEU B 53 31.21 43.80 14.01
CA LEU B 53 30.67 42.96 15.07
C LEU B 53 29.96 43.81 16.11
N ARG B 54 30.57 44.92 16.48
CA ARG B 54 30.00 45.88 17.42
C ARG B 54 28.70 46.48 16.89
N LYS B 55 28.75 46.94 15.64
CA LYS B 55 27.58 47.54 14.99
C LYS B 55 26.43 46.52 14.99
N ALA B 56 26.80 45.30 14.63
CA ALA B 56 25.90 44.17 14.67
C ALA B 56 25.27 44.06 16.05
N GLN B 57 26.09 43.86 17.08
CA GLN B 57 25.59 43.74 18.45
C GLN B 57 24.63 44.86 18.83
N LEU B 58 24.91 46.07 18.38
CA LEU B 58 24.01 47.20 18.66
C LEU B 58 22.63 47.00 18.01
N GLN B 59 22.62 46.76 16.71
CA GLN B 59 21.34 46.58 15.99
C GLN B 59 20.55 45.38 16.54
N VAL B 60 21.21 44.23 16.59
CA VAL B 60 20.68 43.02 17.22
C VAL B 60 20.08 43.28 18.59
N ASP B 61 20.79 43.99 19.45
CA ASP B 61 20.25 44.28 20.77
C ASP B 61 19.02 45.17 20.70
N ARG B 62 18.99 46.10 19.75
CA ARG B 62 17.79 46.91 19.56
C ARG B 62 16.58 46.02 19.23
N PHE B 63 16.79 45.14 18.24
CA PHE B 63 15.73 44.24 17.79
C PHE B 63 15.24 43.34 18.93
N ALA B 64 16.20 42.73 19.62
CA ALA B 64 15.92 41.88 20.77
C ALA B 64 15.12 42.64 21.82
N MET B 65 15.48 43.88 22.06
CA MET B 65 14.72 44.73 22.96
C MET B 65 13.27 44.80 22.51
N GLU B 66 13.06 45.06 21.23
CA GLU B 66 11.70 45.05 20.69
C GLU B 66 10.96 43.71 20.93
N LEU B 67 11.69 42.60 20.78
CA LEU B 67 11.10 41.28 21.02
C LEU B 67 10.65 41.10 22.47
N GLU B 68 11.59 41.20 23.40
CA GLU B 68 11.27 41.05 24.83
C GLU B 68 10.20 42.05 25.24
N GLN B 69 10.11 43.15 24.50
CA GLN B 69 9.07 44.13 24.69
C GLN B 69 7.72 43.53 24.31
N SER B 70 7.70 42.79 23.20
CA SER B 70 6.46 42.16 22.71
C SER B 70 6.05 40.82 23.37
N ARG B 71 6.79 40.37 24.39
CA ARG B 71 6.52 39.07 25.01
C ARG B 71 5.11 38.94 25.61
N ASN B 72 4.47 37.79 25.36
CA ASN B 72 3.14 37.50 25.90
C ASN B 72 3.16 36.25 26.80
N LEU B 73 2.61 36.38 28.01
CA LEU B 73 2.65 35.29 28.99
C LEU B 73 1.24 34.87 29.43
N SER B 74 0.22 35.47 28.82
CA SER B 74 -1.15 35.31 29.28
C SER B 74 -1.82 34.01 28.83
N ASN B 75 -1.41 33.48 27.68
CA ASN B 75 -2.05 32.30 27.11
C ASN B 75 -1.52 30.99 27.65
N THR B 76 -2.38 30.00 27.70
CA THR B 76 -1.97 28.67 28.13
C THR B 76 -2.04 27.74 26.93
N ILE B 77 -0.88 27.24 26.54
CA ILE B 77 -0.77 26.44 25.34
C ILE B 77 -0.33 25.03 25.74
N VAL B 78 -1.01 24.05 25.15
CA VAL B 78 -0.81 22.66 25.50
C VAL B 78 -0.43 21.89 24.24
N HIS B 79 0.52 20.98 24.36
CA HIS B 79 0.88 20.14 23.23
C HIS B 79 0.72 18.69 23.64
N ILE B 80 -0.18 17.97 22.96
CA ILE B 80 -0.38 16.57 23.25
C ILE B 80 0.23 15.71 22.16
N ASP B 81 0.94 14.68 22.59
CA ASP B 81 1.69 13.80 21.71
C ASP B 81 1.48 12.35 22.14
N MET B 82 0.73 11.59 21.33
CA MET B 82 0.46 10.19 21.63
C MET B 82 1.73 9.35 21.74
N ASP B 83 1.79 8.49 22.75
CA ASP B 83 3.00 7.73 23.02
C ASP B 83 3.15 6.51 22.12
N ALA B 84 4.33 6.38 21.51
CA ALA B 84 4.65 5.30 20.57
C ALA B 84 3.51 4.95 19.62
N PHE B 85 2.64 5.93 19.37
CA PHE B 85 1.35 5.77 18.68
C PHE B 85 1.08 4.46 17.93
N TYR B 86 1.52 4.39 16.67
CA TYR B 86 1.26 3.22 15.82
C TYR B 86 1.46 1.90 16.56
N ALA B 87 2.58 1.84 17.28
CA ALA B 87 2.98 0.62 17.99
C ALA B 87 2.09 0.37 19.20
N ALA B 88 1.69 1.46 19.86
CA ALA B 88 0.75 1.38 20.97
C ALA B 88 -0.58 0.80 20.51
N VAL B 89 -1.08 1.26 19.37
CA VAL B 89 -2.32 0.74 18.82
C VAL B 89 -2.17 -0.73 18.48
N GLU B 90 -1.05 -1.08 17.83
CA GLU B 90 -0.83 -2.50 17.52
C GLU B 90 -0.70 -3.38 18.76
N MET B 91 -0.29 -2.79 19.88
CA MET B 91 -0.10 -3.54 21.11
C MET B 91 -1.44 -3.72 21.83
N ARG B 92 -2.28 -2.69 21.72
CA ARG B 92 -3.61 -2.71 22.32
C ARG B 92 -4.48 -3.85 21.77
N ASP B 93 -4.30 -4.17 20.49
CA ASP B 93 -5.21 -5.07 19.80
C ASP B 93 -4.57 -6.41 19.47
N ASN B 94 -3.36 -6.64 19.96
CA ASN B 94 -2.72 -7.95 19.91
C ASN B 94 -1.78 -8.05 21.09
N PRO B 95 -2.30 -8.49 22.24
CA PRO B 95 -1.58 -8.44 23.52
C PRO B 95 -0.44 -9.46 23.59
N GLU B 96 -0.38 -10.37 22.64
CA GLU B 96 0.74 -11.31 22.53
C GLU B 96 2.04 -10.59 22.16
N LEU B 97 1.97 -9.27 22.03
CA LEU B 97 3.12 -8.43 21.69
C LEU B 97 3.50 -7.56 22.87
N LYS B 98 2.56 -7.44 23.82
CA LYS B 98 2.61 -6.45 24.90
C LYS B 98 3.95 -6.33 25.63
N ASP B 99 4.66 -7.45 25.77
CA ASP B 99 5.93 -7.45 26.50
C ASP B 99 7.14 -7.66 25.58
N LYS B 100 6.93 -7.46 24.29
CA LYS B 100 7.95 -7.79 23.30
C LYS B 100 8.42 -6.53 22.56
N PRO B 101 9.64 -6.56 22.02
CA PRO B 101 10.08 -5.43 21.19
C PRO B 101 9.47 -5.52 19.80
N ILE B 102 8.72 -4.50 19.42
CA ILE B 102 8.04 -4.48 18.13
C ILE B 102 8.32 -3.20 17.36
N ALA B 103 8.11 -3.26 16.06
CA ALA B 103 8.19 -2.06 15.22
C ALA B 103 7.09 -2.05 14.17
N VAL B 104 6.43 -0.91 14.00
CA VAL B 104 5.47 -0.76 12.92
C VAL B 104 6.19 -0.22 11.69
N GLY B 105 6.20 -1.05 10.64
CA GLY B 105 6.85 -0.75 9.38
C GLY B 105 7.06 -2.02 8.58
N SER B 106 8.07 -2.02 7.72
CA SER B 106 8.45 -3.22 6.97
C SER B 106 9.94 -3.49 7.14
N MET B 107 10.49 -4.23 6.19
CA MET B 107 11.93 -4.43 6.14
C MET B 107 12.55 -3.18 5.52
N SER B 108 11.77 -2.50 4.68
CA SER B 108 12.26 -1.33 3.99
C SER B 108 12.40 -0.17 4.94
N MET B 109 11.33 0.15 5.68
CA MET B 109 11.31 1.31 6.55
C MET B 109 10.42 1.10 7.76
N LEU B 110 10.79 1.71 8.88
CA LEU B 110 9.96 1.63 10.07
C LEU B 110 9.25 2.94 10.33
N SER B 111 7.92 2.90 10.37
CA SER B 111 7.13 4.05 10.78
C SER B 111 7.49 4.42 12.22
N THR B 112 7.57 3.42 13.08
CA THR B 112 7.93 3.67 14.48
C THR B 112 8.21 2.38 15.25
N SER B 113 8.51 2.51 16.53
CA SER B 113 8.83 1.37 17.38
C SER B 113 8.36 1.63 18.81
N ASN B 114 8.16 0.56 19.57
CA ASN B 114 7.84 0.74 20.99
C ASN B 114 9.11 1.06 21.77
N TYR B 115 8.94 1.50 23.01
CA TYR B 115 10.07 1.89 23.86
C TYR B 115 10.91 0.65 24.19
N HIS B 116 10.21 -0.47 24.28
CA HIS B 116 10.83 -1.78 24.48
C HIS B 116 11.92 -2.08 23.43
N ALA B 117 11.70 -1.61 22.20
CA ALA B 117 12.65 -1.80 21.11
C ALA B 117 13.54 -0.58 21.00
N ARG B 118 13.04 0.56 21.46
CA ARG B 118 13.82 1.79 21.49
C ARG B 118 14.99 1.59 22.46
N ARG B 119 14.90 0.55 23.28
CA ARG B 119 15.98 0.21 24.21
C ARG B 119 17.10 -0.53 23.45
N PHE B 120 16.83 -0.90 22.20
CA PHE B 120 17.85 -1.51 21.35
C PHE B 120 18.38 -0.54 20.29
N GLY B 121 18.01 0.73 20.41
CA GLY B 121 18.44 1.75 19.46
C GLY B 121 17.56 1.79 18.22
N VAL B 122 16.59 0.87 18.18
CA VAL B 122 15.63 0.79 17.10
C VAL B 122 14.70 2.01 17.11
N ARG B 123 14.68 2.76 16.02
CA ARG B 123 13.93 4.02 15.99
C ARG B 123 13.24 4.26 14.65
N ALA B 124 12.29 5.18 14.65
CA ALA B 124 11.62 5.64 13.43
C ALA B 124 12.63 6.07 12.37
N ALA B 125 12.20 6.03 11.11
CA ALA B 125 13.02 6.44 9.95
C ALA B 125 14.22 5.53 9.72
N MET B 126 14.28 4.42 10.47
CA MET B 126 15.32 3.41 10.28
C MET B 126 14.80 2.23 9.48
N PRO B 127 15.61 1.74 8.52
CA PRO B 127 15.24 0.54 7.77
C PRO B 127 15.02 -0.67 8.68
N GLY B 128 14.02 -1.48 8.35
CA GLY B 128 13.70 -2.68 9.11
C GLY B 128 14.85 -3.65 9.26
N PHE B 129 15.47 -4.02 8.14
CA PHE B 129 16.53 -5.02 8.15
C PHE B 129 17.71 -4.63 9.04
N ILE B 130 17.89 -3.32 9.25
CA ILE B 130 18.93 -2.84 10.15
C ILE B 130 18.47 -3.03 11.60
N ALA B 131 17.22 -2.66 11.84
CA ALA B 131 16.61 -2.81 13.15
C ALA B 131 16.61 -4.26 13.62
N LYS B 132 16.51 -5.21 12.69
CA LYS B 132 16.55 -6.61 13.07
C LYS B 132 17.98 -7.06 13.34
N ARG B 133 18.94 -6.21 12.97
CA ARG B 133 20.34 -6.51 13.29
C ARG B 133 20.74 -5.84 14.60
N LEU B 134 20.02 -4.79 14.98
CA LEU B 134 20.17 -4.25 16.34
C LEU B 134 19.43 -5.11 17.36
N CYS B 135 18.46 -5.88 16.87
CA CYS B 135 17.54 -6.62 17.73
C CYS B 135 16.86 -7.71 16.90
N PRO B 136 17.42 -8.92 16.89
CA PRO B 136 16.92 -10.02 16.05
C PRO B 136 15.59 -10.60 16.54
N GLN B 137 15.21 -10.30 17.77
CA GLN B 137 13.96 -10.80 18.33
C GLN B 137 12.80 -9.86 18.00
N LEU B 138 13.07 -8.93 17.10
CA LEU B 138 12.12 -7.86 16.78
C LEU B 138 10.89 -8.37 16.03
N ILE B 139 9.74 -7.83 16.39
CA ILE B 139 8.50 -8.11 15.71
C ILE B 139 8.16 -6.94 14.80
N ILE B 140 8.18 -7.15 13.49
CA ILE B 140 7.78 -6.08 12.58
C ILE B 140 6.36 -6.28 12.12
N VAL B 141 5.46 -5.46 12.65
CA VAL B 141 4.05 -5.56 12.30
C VAL B 141 3.67 -4.47 11.30
N PRO B 142 3.03 -4.87 10.19
CA PRO B 142 2.64 -3.94 9.12
C PRO B 142 1.70 -2.86 9.64
N PRO B 143 1.77 -1.66 9.06
CA PRO B 143 0.89 -0.57 9.51
C PRO B 143 -0.58 -0.78 9.12
N ASN B 144 -1.49 -0.29 9.95
CA ASN B 144 -2.91 -0.28 9.65
C ASN B 144 -3.45 1.14 9.74
N PHE B 145 -3.16 1.91 8.70
CA PHE B 145 -3.32 3.37 8.68
C PHE B 145 -4.73 3.84 9.05
N ASP B 146 -5.74 3.09 8.61
CA ASP B 146 -7.12 3.48 8.85
C ASP B 146 -7.54 3.36 10.32
N LYS B 147 -7.03 2.34 11.01
CA LYS B 147 -7.18 2.27 12.46
C LYS B 147 -6.62 3.53 13.12
N TYR B 148 -5.40 3.90 12.72
CA TYR B 148 -4.73 5.06 13.29
C TYR B 148 -5.57 6.31 13.05
N ARG B 149 -6.24 6.34 11.89
CA ARG B 149 -7.12 7.46 11.57
C ARG B 149 -8.36 7.49 12.46
N ALA B 150 -8.90 6.31 12.77
CA ALA B 150 -10.09 6.22 13.61
C ALA B 150 -9.77 6.66 15.04
N VAL B 151 -8.70 6.09 15.59
CA VAL B 151 -8.23 6.45 16.92
C VAL B 151 -7.96 7.94 16.98
N SER B 152 -7.32 8.46 15.93
CA SER B 152 -7.09 9.89 15.82
C SER B 152 -8.42 10.66 15.92
N LYS B 153 -9.46 10.14 15.26
CA LYS B 153 -10.77 10.79 15.32
C LYS B 153 -11.30 10.83 16.76
N GLU B 154 -11.20 9.71 17.47
CA GLU B 154 -11.60 9.67 18.88
C GLU B 154 -10.88 10.71 19.75
N VAL B 155 -9.55 10.71 19.68
CA VAL B 155 -8.75 11.67 20.43
C VAL B 155 -9.11 13.11 20.09
N LYS B 156 -9.23 13.42 18.80
CA LYS B 156 -9.61 14.77 18.39
C LYS B 156 -10.97 15.15 18.96
N GLU B 157 -11.86 14.16 19.04
CA GLU B 157 -13.16 14.36 19.66
C GLU B 157 -12.99 14.82 21.10
N ILE B 158 -12.18 14.10 21.87
CA ILE B 158 -11.86 14.62 23.21
C ILE B 158 -11.27 16.04 23.21
N LEU B 159 -10.23 16.27 22.40
CA LEU B 159 -9.55 17.57 22.32
C LEU B 159 -10.45 18.76 21.99
N ALA B 160 -11.53 18.51 21.25
CA ALA B 160 -12.41 19.61 20.82
C ALA B 160 -13.20 20.22 21.99
N ASP B 161 -13.26 19.51 23.11
CA ASP B 161 -13.95 19.99 24.30
C ASP B 161 -13.27 21.21 24.94
N TYR B 162 -11.96 21.28 24.80
CA TYR B 162 -11.16 22.26 25.52
C TYR B 162 -10.76 23.38 24.59
N ASP B 163 -10.53 23.04 23.33
CA ASP B 163 -10.29 24.03 22.29
C ASP B 163 -10.99 23.58 21.02
N PRO B 164 -12.09 24.23 20.68
CA PRO B 164 -12.79 23.97 19.41
C PRO B 164 -11.93 24.32 18.20
N ASN B 165 -11.23 25.45 18.27
CA ASN B 165 -10.40 25.91 17.16
C ASN B 165 -8.95 25.46 17.30
N PHE B 166 -8.74 24.28 17.88
CA PHE B 166 -7.39 23.74 18.08
C PHE B 166 -6.73 23.35 16.76
N MET B 167 -5.44 23.02 16.83
CA MET B 167 -4.63 22.82 15.62
C MET B 167 -3.94 21.47 15.64
N ALA B 168 -4.42 20.56 14.79
CA ALA B 168 -3.86 19.22 14.72
C ALA B 168 -2.70 19.13 13.74
N MET B 169 -1.56 18.67 14.23
CA MET B 169 -0.36 18.49 13.42
C MET B 169 -0.47 17.25 12.56
N SER B 170 -0.38 16.10 13.19
CA SER B 170 -0.51 14.82 12.50
C SER B 170 -1.69 14.02 13.06
N LEU B 171 -1.56 12.70 13.07
CA LEU B 171 -2.60 11.87 13.65
C LEU B 171 -2.41 11.75 15.16
N ASP B 172 -1.21 12.00 15.63
CA ASP B 172 -0.91 11.86 17.05
C ASP B 172 -0.37 13.08 17.76
N GLU B 173 -0.51 14.23 17.17
CA GLU B 173 -0.01 15.45 17.78
C GLU B 173 -1.02 16.56 17.62
N ALA B 174 -1.08 17.45 18.61
CA ALA B 174 -1.94 18.62 18.51
C ALA B 174 -1.56 19.71 19.48
N TYR B 175 -1.85 20.95 19.09
CA TYR B 175 -1.70 22.12 19.96
C TYR B 175 -3.08 22.63 20.38
N LEU B 176 -3.20 23.03 21.64
CA LEU B 176 -4.44 23.56 22.19
C LEU B 176 -4.21 24.89 22.90
N ASN B 177 -5.14 25.82 22.70
CA ASN B 177 -5.14 27.05 23.48
C ASN B 177 -6.26 26.98 24.51
N ILE B 178 -5.93 26.53 25.71
CA ILE B 178 -6.94 26.28 26.73
C ILE B 178 -7.12 27.44 27.69
N THR B 179 -6.97 28.65 27.17
CA THR B 179 -7.12 29.85 28.00
C THR B 179 -8.59 30.09 28.31
N LYS B 180 -9.41 30.09 27.25
CA LYS B 180 -10.85 30.26 27.37
C LYS B 180 -11.40 29.22 28.32
N HIS B 181 -11.01 27.98 28.11
CA HIS B 181 -11.48 26.89 28.95
C HIS B 181 -11.08 27.04 30.41
N LEU B 182 -9.82 27.37 30.67
CA LEU B 182 -9.37 27.57 32.05
C LEU B 182 -10.22 28.65 32.73
N GLU B 183 -10.39 29.74 31.99
CA GLU B 183 -11.23 30.86 32.40
C GLU B 183 -12.59 30.38 32.85
N GLU B 184 -13.31 29.70 31.96
CA GLU B 184 -14.65 29.24 32.28
C GLU B 184 -14.67 28.09 33.27
N ARG B 185 -13.51 27.51 33.56
CA ARG B 185 -13.42 26.33 34.39
C ARG B 185 -13.10 26.73 35.82
N GLN B 186 -12.72 28.00 36.00
CA GLN B 186 -12.49 28.50 37.35
C GLN B 186 -13.73 28.33 38.24
N ASN B 187 -14.90 28.66 37.68
CA ASN B 187 -16.16 28.55 38.40
C ASN B 187 -17.01 27.33 37.99
N TRP B 188 -16.44 26.14 38.06
CA TRP B 188 -17.14 24.93 37.61
C TRP B 188 -17.46 24.00 38.76
N PRO B 189 -18.75 23.67 38.95
CA PRO B 189 -19.16 22.68 39.96
C PRO B 189 -18.43 21.35 39.74
N GLU B 190 -18.28 20.55 40.79
CA GLU B 190 -17.45 19.35 40.71
C GLU B 190 -17.91 18.31 39.67
N ASP B 191 -19.18 18.36 39.27
CA ASP B 191 -19.73 17.27 38.45
C ASP B 191 -19.58 17.54 36.95
N LYS B 192 -19.04 18.71 36.60
CA LYS B 192 -18.55 18.94 35.24
C LYS B 192 -17.08 18.58 35.21
N ARG B 193 -16.52 18.23 36.37
CA ARG B 193 -15.12 17.84 36.44
C ARG B 193 -15.01 16.42 36.94
N ARG B 194 -16.12 15.70 36.85
CA ARG B 194 -16.17 14.33 37.35
C ARG B 194 -16.29 13.35 36.20
N TYR B 195 -15.41 12.36 36.18
CA TYR B 195 -15.41 11.34 35.14
C TYR B 195 -15.35 9.95 35.74
N PHE B 196 -15.95 8.97 35.05
CA PHE B 196 -16.00 7.60 35.55
C PHE B 196 -14.88 6.75 34.99
N ILE B 197 -14.35 5.85 35.83
CA ILE B 197 -13.39 4.85 35.38
C ILE B 197 -14.12 3.71 34.68
N LYS B 198 -13.59 3.29 33.53
CA LYS B 198 -14.23 2.25 32.72
C LYS B 198 -14.23 0.91 33.48
N ASN B 256 -14.38 3.73 40.34
CA ASN B 256 -15.64 4.46 40.40
C ASN B 256 -15.54 5.79 39.64
N SER B 257 -15.51 6.91 40.36
CA SER B 257 -15.36 8.19 39.68
C SER B 257 -14.10 8.87 40.19
N VAL B 258 -13.57 9.81 39.41
CA VAL B 258 -12.54 10.74 39.86
C VAL B 258 -12.84 12.18 39.47
N VAL B 259 -12.21 13.12 40.17
CA VAL B 259 -12.43 14.53 39.94
C VAL B 259 -11.10 15.21 39.60
N PHE B 260 -11.18 16.30 38.85
CA PHE B 260 -9.97 17.02 38.44
C PHE B 260 -10.10 18.48 38.81
N GLY B 261 -8.96 19.13 39.09
CA GLY B 261 -8.93 20.50 39.56
C GLY B 261 -9.25 21.53 38.50
N THR B 262 -8.94 22.78 38.81
CA THR B 262 -9.22 23.88 37.90
C THR B 262 -7.94 24.51 37.35
N SER B 263 -6.79 23.94 37.72
CA SER B 263 -5.50 24.44 37.25
C SER B 263 -5.20 23.84 35.88
N ALA B 264 -4.31 24.48 35.13
CA ALA B 264 -3.93 24.01 33.81
C ALA B 264 -3.43 22.57 33.87
N GLN B 265 -2.55 22.33 34.85
CA GLN B 265 -2.01 21.00 35.10
C GLN B 265 -3.13 19.96 35.18
N GLU B 266 -4.17 20.33 35.93
CA GLU B 266 -5.31 19.46 36.17
C GLU B 266 -6.14 19.23 34.92
N VAL B 267 -6.42 20.31 34.19
CA VAL B 267 -7.07 20.21 32.89
C VAL B 267 -6.37 19.19 31.99
N VAL B 268 -5.04 19.32 31.92
CA VAL B 268 -4.25 18.42 31.10
C VAL B 268 -4.29 16.96 31.56
N LYS B 269 -4.18 16.70 32.87
CA LYS B 269 -4.26 15.29 33.29
C LYS B 269 -5.67 14.74 33.10
N GLU B 270 -6.66 15.64 33.10
CA GLU B 270 -8.02 15.24 32.77
C GLU B 270 -8.08 14.77 31.32
N ILE B 271 -7.54 15.58 30.43
CA ILE B 271 -7.51 15.22 29.00
C ILE B 271 -6.79 13.88 28.76
N ARG B 272 -5.60 13.75 29.35
CA ARG B 272 -4.84 12.51 29.24
C ARG B 272 -5.64 11.31 29.78
N PHE B 273 -6.35 11.54 30.89
CA PHE B 273 -7.18 10.48 31.49
C PHE B 273 -8.29 10.03 30.54
N ARG B 274 -9.10 10.98 30.08
CA ARG B 274 -10.16 10.69 29.11
C ARG B 274 -9.61 9.96 27.88
N ILE B 275 -8.45 10.39 27.38
CA ILE B 275 -7.81 9.69 26.28
C ILE B 275 -7.54 8.22 26.63
N GLU B 276 -6.95 7.98 27.80
CA GLU B 276 -6.69 6.59 28.19
C GLU B 276 -7.96 5.76 28.35
N GLN B 277 -9.04 6.38 28.84
CA GLN B 277 -10.28 5.64 29.01
C GLN B 277 -10.89 5.28 27.67
N LYS B 278 -11.01 6.27 26.80
CA LYS B 278 -11.71 6.11 25.53
C LYS B 278 -10.93 5.25 24.53
N THR B 279 -9.60 5.37 24.54
CA THR B 279 -8.80 4.72 23.50
C THR B 279 -7.85 3.62 24.00
N THR B 280 -7.65 3.55 25.31
CA THR B 280 -6.70 2.60 25.93
C THR B 280 -5.26 2.93 25.55
N LEU B 281 -5.00 4.20 25.27
CA LEU B 281 -3.65 4.62 24.91
C LEU B 281 -3.21 5.86 25.69
N THR B 282 -1.92 5.91 26.01
CA THR B 282 -1.36 7.00 26.78
C THR B 282 -0.81 8.10 25.90
N ALA B 283 -0.85 9.34 26.39
CA ALA B 283 -0.27 10.48 25.70
C ALA B 283 0.62 11.28 26.65
N SER B 284 1.61 11.97 26.11
CA SER B 284 2.36 12.95 26.90
C SER B 284 1.88 14.34 26.53
N ALA B 285 2.12 15.30 27.42
CA ALA B 285 1.67 16.66 27.15
C ALA B 285 2.66 17.69 27.67
N GLY B 286 2.58 18.90 27.12
CA GLY B 286 3.44 19.99 27.51
C GLY B 286 2.62 21.24 27.72
N ILE B 287 2.89 21.97 28.79
CA ILE B 287 2.10 23.14 29.13
C ILE B 287 3.01 24.35 29.25
N ALA B 288 2.76 25.37 28.43
CA ALA B 288 3.66 26.51 28.41
C ALA B 288 2.97 27.72 27.76
N PRO B 289 3.57 28.91 27.92
CA PRO B 289 2.87 30.07 27.34
C PRO B 289 2.97 30.22 25.82
N ASN B 290 3.77 29.39 25.15
CA ASN B 290 3.79 29.39 23.69
C ASN B 290 4.07 28.02 23.05
N THR B 291 3.77 27.92 21.76
CA THR B 291 3.83 26.65 21.01
C THR B 291 5.20 25.99 21.04
N MET B 292 6.24 26.78 20.79
CA MET B 292 7.61 26.30 20.81
C MET B 292 7.96 25.64 22.14
N LEU B 293 7.68 26.39 23.21
CA LEU B 293 7.95 25.94 24.57
C LEU B 293 7.13 24.70 24.93
N ALA B 294 5.82 24.75 24.70
CA ALA B 294 4.94 23.61 24.93
C ALA B 294 5.46 22.36 24.23
N LYS B 295 5.88 22.53 22.98
CA LYS B 295 6.40 21.43 22.18
C LYS B 295 7.69 20.87 22.76
N VAL B 296 8.57 21.73 23.29
CA VAL B 296 9.76 21.20 23.96
C VAL B 296 9.38 20.45 25.25
N CYS B 297 8.41 21.00 25.98
CA CYS B 297 7.90 20.41 27.22
C CYS B 297 7.36 19.00 27.07
N SER B 298 6.42 18.84 26.15
CA SER B 298 5.73 17.57 25.94
C SER B 298 6.65 16.36 25.81
N ASP B 299 7.92 16.61 25.51
CA ASP B 299 8.88 15.52 25.31
C ASP B 299 9.72 15.20 26.55
N LYS B 300 9.71 16.08 27.54
CA LYS B 300 10.49 15.82 28.76
C LYS B 300 9.97 14.60 29.50
N ASN B 301 8.70 14.66 29.95
CA ASN B 301 8.08 13.53 30.65
C ASN B 301 7.39 12.55 29.72
N LYS B 302 8.13 11.98 28.79
CA LYS B 302 7.61 10.98 27.88
C LYS B 302 8.09 9.65 28.39
N PRO B 303 7.27 8.60 28.35
CA PRO B 303 5.87 8.62 27.90
C PRO B 303 4.88 8.73 29.06
N ASN B 304 3.62 9.04 28.75
CA ASN B 304 2.56 9.15 29.74
C ASN B 304 2.99 10.00 30.92
N GLY B 305 3.11 11.30 30.67
CA GLY B 305 3.54 12.25 31.66
C GLY B 305 3.37 13.63 31.11
N GLN B 306 3.51 14.64 31.95
CA GLN B 306 3.39 16.00 31.49
C GLN B 306 4.38 16.93 32.18
N TYR B 307 4.40 18.17 31.75
CA TYR B 307 5.30 19.17 32.31
C TYR B 307 4.79 20.56 31.98
N GLN B 308 4.80 21.45 32.98
CA GLN B 308 4.38 22.82 32.75
C GLN B 308 5.54 23.81 32.89
N ILE B 309 5.51 24.84 32.07
CA ILE B 309 6.34 26.01 32.30
C ILE B 309 5.40 27.10 32.76
N LEU B 310 5.56 27.53 34.01
CA LEU B 310 4.62 28.48 34.58
C LEU B 310 4.78 29.81 33.86
N PRO B 311 3.68 30.55 33.68
CA PRO B 311 3.77 31.77 32.87
C PRO B 311 4.45 32.95 33.59
N ASN B 312 5.71 32.76 33.98
CA ASN B 312 6.56 33.85 34.42
C ASN B 312 7.92 33.77 33.71
N ARG B 313 8.44 34.93 33.31
CA ARG B 313 9.66 35.02 32.51
C ARG B 313 10.84 34.23 33.08
N GLN B 314 10.91 34.20 34.41
CA GLN B 314 11.99 33.51 35.09
C GLN B 314 11.96 32.00 34.83
N ALA B 315 10.77 31.40 34.87
CA ALA B 315 10.61 29.97 34.59
C ALA B 315 11.07 29.64 33.17
N VAL B 316 10.57 30.43 32.22
CA VAL B 316 11.00 30.37 30.82
C VAL B 316 12.52 30.34 30.71
N MET B 317 13.15 31.37 31.27
CA MET B 317 14.61 31.50 31.22
C MET B 317 15.37 30.36 31.89
N ASP B 318 14.85 29.86 33.01
CA ASP B 318 15.49 28.75 33.70
C ASP B 318 15.44 27.51 32.85
N PHE B 319 14.27 27.27 32.25
CA PHE B 319 14.07 26.07 31.43
C PHE B 319 14.99 26.12 30.22
N ILE B 320 14.98 27.26 29.54
CA ILE B 320 15.83 27.52 28.39
C ILE B 320 17.32 27.38 28.67
N LYS B 321 17.76 28.00 29.77
CA LYS B 321 19.17 28.31 30.01
C LYS B 321 20.14 27.20 29.63
N ASP B 322 19.71 25.96 29.76
CA ASP B 322 20.56 24.83 29.42
C ASP B 322 19.88 23.84 28.46
N LEU B 323 18.84 24.32 27.78
CA LEU B 323 18.15 23.51 26.79
C LEU B 323 18.97 23.38 25.50
N PRO B 324 19.34 22.15 25.14
CA PRO B 324 20.05 21.93 23.86
C PRO B 324 19.24 22.46 22.69
N ILE B 325 19.91 23.06 21.73
CA ILE B 325 19.24 23.66 20.57
C ILE B 325 18.62 22.59 19.68
N ARG B 326 19.16 21.39 19.74
CA ARG B 326 18.69 20.29 18.91
C ARG B 326 17.21 19.97 19.19
N LYS B 327 16.79 20.25 20.42
CA LYS B 327 15.46 19.89 20.87
C LYS B 327 14.36 20.88 20.49
N VAL B 328 14.72 22.05 19.98
CA VAL B 328 13.69 22.97 19.56
C VAL B 328 13.28 22.62 18.13
N SER B 329 12.01 22.80 17.81
CA SER B 329 11.50 22.41 16.50
C SER B 329 11.96 23.38 15.43
N GLY B 330 12.76 22.90 14.48
CA GLY B 330 13.35 23.74 13.46
C GLY B 330 14.85 23.55 13.32
N ILE B 331 15.48 23.04 14.38
CA ILE B 331 16.92 22.81 14.36
C ILE B 331 17.24 21.33 14.19
N GLY B 332 17.61 20.96 12.96
CA GLY B 332 17.88 19.57 12.66
C GLY B 332 19.35 19.20 12.79
N LYS B 333 19.74 18.08 12.18
CA LYS B 333 21.11 17.57 12.26
C LYS B 333 22.11 18.61 11.77
N VAL B 334 21.85 19.11 10.56
CA VAL B 334 22.73 20.08 9.92
C VAL B 334 22.91 21.35 10.73
N THR B 335 21.83 22.07 10.99
CA THR B 335 21.86 23.30 11.77
C THR B 335 22.54 23.09 13.13
N GLU B 336 22.26 21.96 13.77
CA GLU B 336 22.93 21.62 15.03
C GLU B 336 24.43 21.56 14.84
N LYS B 337 24.87 20.93 13.75
CA LYS B 337 26.31 20.82 13.48
C LYS B 337 26.97 22.17 13.16
N MET B 338 26.30 22.98 12.35
CA MET B 338 26.83 24.29 12.02
C MET B 338 26.95 25.18 13.25
N LEU B 339 25.93 25.15 14.11
CA LEU B 339 25.99 25.96 15.33
C LEU B 339 27.00 25.40 16.32
N LYS B 340 27.18 24.08 16.31
CA LYS B 340 28.17 23.45 17.17
C LYS B 340 29.56 23.87 16.72
N ALA B 341 29.71 24.11 15.42
CA ALA B 341 30.97 24.61 14.87
C ALA B 341 31.36 25.96 15.49
N LEU B 342 30.37 26.75 15.90
CA LEU B 342 30.62 28.04 16.51
C LEU B 342 30.68 27.91 18.02
N GLY B 343 30.70 26.67 18.50
CA GLY B 343 30.69 26.39 19.92
C GLY B 343 29.34 26.64 20.58
N ILE B 344 28.28 26.67 19.78
CA ILE B 344 26.92 26.85 20.30
C ILE B 344 26.25 25.50 20.50
N ILE B 345 25.84 25.22 21.74
CA ILE B 345 25.16 23.96 22.04
C ILE B 345 23.77 24.20 22.62
N THR B 346 23.67 25.17 23.52
CA THR B 346 22.44 25.44 24.22
C THR B 346 21.90 26.82 23.84
N CYS B 347 20.72 27.18 24.35
CA CYS B 347 20.10 28.42 23.92
C CYS B 347 20.74 29.64 24.56
N THR B 348 21.43 29.41 25.68
CA THR B 348 22.16 30.49 26.33
C THR B 348 23.25 30.95 25.35
N GLU B 349 24.01 30.01 24.83
CA GLU B 349 25.06 30.32 23.88
C GLU B 349 24.49 30.83 22.55
N LEU B 350 23.30 30.37 22.21
CA LEU B 350 22.61 30.92 21.06
C LEU B 350 22.28 32.40 21.26
N TYR B 351 22.00 32.79 22.51
CA TYR B 351 21.73 34.19 22.79
C TYR B 351 23.01 35.01 22.82
N GLN B 352 24.06 34.45 23.42
CA GLN B 352 25.35 35.13 23.53
C GLN B 352 25.90 35.56 22.17
N GLN B 353 25.84 34.66 21.19
CA GLN B 353 26.47 34.88 19.90
C GLN B 353 25.53 35.54 18.89
N ARG B 354 24.49 36.21 19.39
CA ARG B 354 23.47 36.80 18.52
C ARG B 354 23.99 37.70 17.38
N ALA B 355 24.98 38.54 17.66
CA ALA B 355 25.52 39.45 16.65
C ALA B 355 26.25 38.69 15.55
N LEU B 356 27.17 37.83 15.99
CA LEU B 356 27.90 36.93 15.11
C LEU B 356 26.95 36.19 14.17
N LEU B 357 25.83 35.72 14.72
CA LEU B 357 24.80 35.05 13.94
C LEU B 357 24.09 36.01 12.99
N SER B 358 23.94 37.26 13.41
CA SER B 358 23.38 38.28 12.53
C SER B 358 24.29 38.49 11.32
N LEU B 359 25.59 38.28 11.49
CA LEU B 359 26.54 38.44 10.38
C LEU B 359 26.72 37.19 9.53
N LEU B 360 26.54 36.01 10.14
CA LEU B 360 26.81 34.76 9.45
C LEU B 360 25.59 34.19 8.69
N PHE B 361 24.38 34.48 9.17
CA PHE B 361 23.17 33.88 8.62
C PHE B 361 22.22 34.93 8.05
N SER B 362 21.23 34.49 7.30
CA SER B 362 20.27 35.42 6.73
C SER B 362 19.39 36.01 7.82
N GLU B 363 18.64 37.04 7.47
CA GLU B 363 17.77 37.73 8.40
C GLU B 363 16.79 36.79 9.10
N THR B 364 16.17 35.92 8.31
CA THR B 364 15.16 35.00 8.80
C THR B 364 15.74 34.02 9.81
N SER B 365 16.93 33.53 9.52
CA SER B 365 17.57 32.54 10.36
C SER B 365 17.96 33.10 11.73
N TRP B 366 18.51 34.31 11.78
CA TRP B 366 18.97 34.82 13.06
C TRP B 366 17.80 35.46 13.81
N HIS B 367 16.81 35.97 13.10
CA HIS B 367 15.56 36.38 13.72
C HIS B 367 14.97 35.18 14.48
N TYR B 368 14.83 34.08 13.75
CA TYR B 368 14.36 32.82 14.31
C TYR B 368 15.19 32.41 15.52
N PHE B 369 16.51 32.36 15.34
CA PHE B 369 17.44 32.00 16.42
C PHE B 369 17.24 32.85 17.67
N LEU B 370 16.95 34.13 17.46
CA LEU B 370 16.80 35.05 18.57
C LEU B 370 15.50 34.78 19.29
N HIS B 371 14.44 34.54 18.52
CA HIS B 371 13.18 34.12 19.10
C HIS B 371 13.38 32.89 19.97
N ILE B 372 14.11 31.90 19.45
CA ILE B 372 14.42 30.71 20.22
C ILE B 372 15.18 31.01 21.51
N SER B 373 16.22 31.84 21.41
CA SER B 373 17.10 32.12 22.55
C SER B 373 16.45 33.00 23.61
N LEU B 374 15.38 33.70 23.22
CA LEU B 374 14.57 34.45 24.19
C LEU B 374 13.34 33.69 24.68
N GLY B 375 13.07 32.52 24.12
CA GLY B 375 11.92 31.72 24.52
C GLY B 375 10.59 32.22 24.03
N LEU B 376 10.61 33.00 22.95
CA LEU B 376 9.38 33.46 22.32
C LEU B 376 8.85 32.40 21.37
N GLY B 377 7.62 32.58 20.94
CA GLY B 377 6.96 31.65 20.04
C GLY B 377 5.52 32.10 19.89
N SER B 378 4.76 31.45 19.02
CA SER B 378 3.36 31.82 18.85
C SER B 378 2.57 31.47 20.10
N THR B 379 1.62 32.34 20.44
CA THR B 379 0.79 32.18 21.61
C THR B 379 -0.65 32.19 21.12
N HIS B 380 -0.76 32.15 19.80
CA HIS B 380 -2.01 32.23 19.10
C HIS B 380 -1.99 31.18 17.99
N LEU B 381 -2.84 30.17 18.10
CA LEU B 381 -2.85 29.13 17.07
C LEU B 381 -3.59 29.73 15.89
N THR B 382 -2.87 29.81 14.77
CA THR B 382 -3.37 30.52 13.61
C THR B 382 -4.22 29.57 12.81
N ARG B 383 -5.36 30.06 12.35
CA ARG B 383 -6.33 29.25 11.62
C ARG B 383 -5.65 28.40 10.55
N ASP B 384 -5.91 27.09 10.61
CA ASP B 384 -5.29 26.11 9.73
C ASP B 384 -5.34 26.53 8.26
N GLY B 385 -4.18 26.94 7.72
CA GLY B 385 -4.15 27.49 6.38
C GLY B 385 -4.41 26.44 5.31
N GLU B 386 -4.57 26.92 4.07
CA GLU B 386 -4.79 26.08 2.90
C GLU B 386 -3.47 25.58 2.32
N ARG B 387 -3.51 24.42 1.67
CA ARG B 387 -2.28 23.81 1.17
C ARG B 387 -1.73 24.56 -0.04
N LYS B 388 -0.45 24.33 -0.34
CA LYS B 388 0.28 25.08 -1.35
C LYS B 388 0.91 24.19 -2.42
N SER B 389 0.95 22.89 -2.15
CA SER B 389 1.48 21.93 -3.11
C SER B 389 0.83 20.58 -2.90
N MET B 390 0.92 19.71 -3.90
CA MET B 390 0.45 18.34 -3.76
C MET B 390 1.30 17.42 -4.62
N SER B 391 1.57 16.21 -4.14
CA SER B 391 2.58 15.39 -4.77
C SER B 391 2.46 13.91 -4.46
N VAL B 392 2.77 13.09 -5.45
CA VAL B 392 2.85 11.65 -5.25
C VAL B 392 4.24 11.18 -5.63
N GLU B 393 4.84 10.32 -4.82
CA GLU B 393 6.11 9.74 -5.21
C GLU B 393 6.23 8.31 -4.70
N ARG B 394 6.95 7.49 -5.45
CA ARG B 394 7.01 6.07 -5.18
C ARG B 394 8.43 5.54 -5.37
N THR B 395 8.87 4.73 -4.41
CA THR B 395 10.13 3.99 -4.49
C THR B 395 9.86 2.59 -5.05
N PHE B 396 10.76 2.15 -5.93
CA PHE B 396 10.66 0.84 -6.56
C PHE B 396 12.04 0.25 -6.83
N SER B 397 12.07 -1.03 -7.17
CA SER B 397 13.31 -1.65 -7.63
C SER B 397 13.65 -1.03 -8.98
N GLU B 398 14.93 -1.11 -9.37
CA GLU B 398 15.48 -0.34 -10.48
C GLU B 398 14.60 -0.27 -11.73
N ILE B 399 14.55 0.89 -12.37
CA ILE B 399 13.88 1.03 -13.66
C ILE B 399 14.79 1.70 -14.71
N ASN B 400 15.12 0.95 -15.75
CA ASN B 400 16.04 1.36 -16.82
C ASN B 400 15.36 1.81 -18.10
N LYS B 401 14.29 1.11 -18.46
CA LYS B 401 13.66 1.28 -19.75
C LYS B 401 12.84 2.56 -19.81
N ALA B 402 13.18 3.42 -20.77
CA ALA B 402 12.51 4.72 -20.94
C ALA B 402 10.99 4.62 -20.98
N GLU B 403 10.46 3.68 -21.76
CA GLU B 403 9.01 3.55 -21.91
C GLU B 403 8.32 3.25 -20.57
N GLU B 404 8.99 2.45 -19.75
CA GLU B 404 8.50 2.13 -18.42
C GLU B 404 8.49 3.37 -17.53
N GLN B 405 9.54 4.17 -17.62
CA GLN B 405 9.61 5.42 -16.89
C GLN B 405 8.49 6.39 -17.31
N TYR B 406 8.24 6.50 -18.60
CA TYR B 406 7.12 7.31 -19.06
C TYR B 406 5.80 6.80 -18.52
N SER B 407 5.60 5.48 -18.54
CA SER B 407 4.36 4.89 -18.05
C SER B 407 4.15 5.18 -16.58
N LEU B 408 5.22 5.00 -15.80
CA LEU B 408 5.19 5.34 -14.39
C LEU B 408 4.78 6.77 -14.17
N CYS B 409 5.40 7.65 -14.96
CA CYS B 409 5.05 9.06 -14.94
C CYS B 409 3.56 9.27 -15.16
N GLN B 410 3.02 8.57 -16.15
CA GLN B 410 1.61 8.67 -16.48
C GLN B 410 0.74 8.23 -15.30
N GLU B 411 1.11 7.13 -14.65
CA GLU B 411 0.35 6.68 -13.48
C GLU B 411 0.38 7.69 -12.34
N LEU B 412 1.57 8.18 -11.99
CA LEU B 412 1.67 9.18 -10.92
C LEU B 412 0.84 10.41 -11.24
N CYS B 413 0.95 10.90 -12.47
CA CYS B 413 0.11 12.02 -12.90
C CYS B 413 -1.36 11.71 -12.70
N SER B 414 -1.76 10.48 -13.01
CA SER B 414 -3.14 10.06 -12.80
C SER B 414 -3.55 10.20 -11.34
N GLU B 415 -2.80 9.55 -10.44
CA GLU B 415 -3.13 9.63 -9.01
C GLU B 415 -3.22 11.08 -8.54
N LEU B 416 -2.29 11.90 -9.02
CA LEU B 416 -2.25 13.30 -8.63
C LEU B 416 -3.51 14.03 -9.08
N ALA B 417 -3.87 13.84 -10.34
CA ALA B 417 -5.09 14.42 -10.88
C ALA B 417 -6.29 14.00 -10.05
N GLN B 418 -6.24 12.76 -9.55
CA GLN B 418 -7.29 12.24 -8.69
C GLN B 418 -7.38 13.00 -7.36
N ASP B 419 -6.24 13.20 -6.71
CA ASP B 419 -6.26 13.92 -5.44
C ASP B 419 -6.70 15.39 -5.61
N LEU B 420 -6.16 16.02 -6.65
CA LEU B 420 -6.60 17.35 -7.05
C LEU B 420 -8.11 17.39 -7.19
N GLN B 421 -8.65 16.38 -7.88
CA GLN B 421 -10.09 16.21 -8.03
C GLN B 421 -10.78 16.19 -6.66
N LYS B 422 -10.25 15.37 -5.75
CA LYS B 422 -10.76 15.33 -4.37
C LYS B 422 -10.88 16.70 -3.74
N GLU B 423 -9.84 17.53 -3.87
CA GLU B 423 -9.94 18.87 -3.27
C GLU B 423 -10.31 19.98 -4.26
N ARG B 424 -10.70 19.60 -5.47
CA ARG B 424 -11.14 20.54 -6.51
C ARG B 424 -10.06 21.58 -6.83
N LEU B 425 -8.80 21.18 -6.74
CA LEU B 425 -7.68 22.10 -6.86
C LEU B 425 -7.03 22.11 -8.24
N LYS B 426 -6.58 23.29 -8.66
CA LYS B 426 -5.95 23.47 -9.96
C LYS B 426 -4.74 24.41 -9.84
N GLY B 427 -3.59 23.98 -10.33
CA GLY B 427 -2.38 24.79 -10.24
C GLY B 427 -1.63 24.82 -11.55
N ARG B 428 -0.55 25.60 -11.62
CA ARG B 428 0.12 25.80 -12.91
C ARG B 428 1.63 25.56 -12.90
N THR B 429 2.14 24.95 -11.84
CA THR B 429 3.54 24.55 -11.83
C THR B 429 3.65 23.05 -11.57
N VAL B 430 4.32 22.34 -12.46
CA VAL B 430 4.48 20.90 -12.30
C VAL B 430 5.95 20.55 -12.15
N THR B 431 6.28 19.82 -11.08
CA THR B 431 7.65 19.40 -10.83
C THR B 431 7.73 17.88 -10.79
N ILE B 432 8.72 17.32 -11.50
CA ILE B 432 9.00 15.91 -11.39
C ILE B 432 10.23 15.71 -10.51
N LYS B 433 10.26 14.56 -9.84
CA LYS B 433 11.34 14.23 -8.92
C LYS B 433 11.96 12.92 -9.35
N LEU B 434 13.29 12.85 -9.33
CA LEU B 434 13.99 11.68 -9.80
C LEU B 434 15.12 11.32 -8.86
N LYS B 435 15.12 10.08 -8.40
CA LYS B 435 16.12 9.60 -7.47
C LYS B 435 16.77 8.41 -8.13
N ASN B 436 18.07 8.48 -8.42
CA ASN B 436 18.69 7.35 -9.09
C ASN B 436 19.21 6.35 -8.07
N VAL B 437 19.77 5.25 -8.54
CA VAL B 437 20.10 4.13 -7.65
C VAL B 437 21.29 4.40 -6.74
N ASN B 438 21.94 5.53 -6.93
CA ASN B 438 23.01 5.97 -6.02
C ASN B 438 22.45 6.99 -5.03
N PHE B 439 21.14 7.17 -5.08
CA PHE B 439 20.35 7.97 -4.13
C PHE B 439 20.48 9.47 -4.35
N GLU B 440 21.00 9.85 -5.51
CA GLU B 440 21.10 11.25 -5.85
C GLU B 440 19.73 11.75 -6.35
N VAL B 441 19.24 12.80 -5.72
CA VAL B 441 17.92 13.34 -6.02
C VAL B 441 18.03 14.59 -6.87
N LYS B 442 17.15 14.72 -7.87
CA LYS B 442 17.02 15.99 -8.58
C LYS B 442 15.59 16.25 -9.01
N THR B 443 15.21 17.51 -9.05
CA THR B 443 13.85 17.89 -9.43
C THR B 443 13.89 18.78 -10.65
N ARG B 444 12.80 18.78 -11.41
CA ARG B 444 12.69 19.64 -12.59
C ARG B 444 11.28 20.18 -12.70
N ALA B 445 11.14 21.49 -12.87
CA ALA B 445 9.81 22.06 -12.88
C ALA B 445 9.47 22.80 -14.16
N SER B 446 8.18 23.10 -14.32
CA SER B 446 7.70 23.90 -15.43
C SER B 446 6.46 24.64 -14.99
N THR B 447 6.49 25.95 -15.13
CA THR B 447 5.33 26.77 -14.85
C THR B 447 4.67 27.17 -16.16
N VAL B 448 3.35 27.05 -16.22
CA VAL B 448 2.60 27.33 -17.44
C VAL B 448 1.54 28.40 -17.22
N SER B 449 1.05 28.96 -18.32
CA SER B 449 0.16 30.11 -18.31
C SER B 449 -1.11 29.89 -17.49
N SER B 450 -1.93 28.94 -17.94
CA SER B 450 -3.22 28.65 -17.31
C SER B 450 -3.11 27.48 -16.34
N VAL B 451 -3.96 27.46 -15.33
CA VAL B 451 -3.97 26.34 -14.37
C VAL B 451 -4.29 25.02 -15.06
N VAL B 452 -3.87 23.94 -14.41
CA VAL B 452 -3.92 22.60 -14.98
C VAL B 452 -4.48 21.64 -13.91
N SER B 453 -5.17 20.58 -14.32
CA SER B 453 -5.83 19.72 -13.34
C SER B 453 -5.99 18.25 -13.73
N THR B 454 -6.13 17.97 -15.02
CA THR B 454 -6.40 16.60 -15.44
C THR B 454 -5.10 15.84 -15.66
N ALA B 455 -5.19 14.52 -15.73
CA ALA B 455 -4.00 13.69 -15.87
C ALA B 455 -3.33 13.94 -17.20
N GLU B 456 -4.13 14.34 -18.20
CA GLU B 456 -3.63 14.57 -19.54
C GLU B 456 -2.68 15.77 -19.55
N GLU B 457 -3.04 16.82 -18.82
CA GLU B 457 -2.25 18.05 -18.77
C GLU B 457 -0.95 17.85 -17.99
N ILE B 458 -1.11 17.38 -16.75
CA ILE B 458 0.01 17.09 -15.87
C ILE B 458 1.00 16.18 -16.59
N PHE B 459 0.49 15.11 -17.21
CA PHE B 459 1.35 14.23 -17.97
C PHE B 459 1.93 14.93 -19.17
N ALA B 460 1.18 15.82 -19.80
CA ALA B 460 1.70 16.57 -20.94
C ALA B 460 2.99 17.27 -20.56
N ILE B 461 2.98 17.95 -19.42
CA ILE B 461 4.18 18.65 -18.95
C ILE B 461 5.31 17.71 -18.46
N ALA B 462 4.94 16.82 -17.54
CA ALA B 462 5.88 15.91 -16.90
C ALA B 462 6.61 15.06 -17.92
N LYS B 463 5.86 14.65 -18.94
CA LYS B 463 6.37 13.90 -20.09
C LYS B 463 7.58 14.55 -20.73
N GLU B 464 7.50 15.86 -20.93
CA GLU B 464 8.57 16.55 -21.62
C GLU B 464 9.70 16.90 -20.65
N LEU B 465 9.39 17.11 -19.37
CA LEU B 465 10.47 17.23 -18.39
C LEU B 465 11.34 15.96 -18.31
N LEU B 466 10.65 14.83 -18.25
CA LEU B 466 11.31 13.53 -18.19
C LEU B 466 12.06 13.28 -19.47
N LYS B 467 11.41 13.57 -20.59
CA LYS B 467 12.04 13.53 -21.91
C LYS B 467 13.38 14.25 -21.90
N THR B 468 13.34 15.49 -21.41
CA THR B 468 14.54 16.29 -21.26
C THR B 468 15.61 15.58 -20.43
N GLU B 469 15.23 14.92 -19.34
CA GLU B 469 16.28 14.24 -18.57
C GLU B 469 16.88 13.02 -19.28
N ILE B 470 16.00 12.23 -19.89
CA ILE B 470 16.38 11.02 -20.61
C ILE B 470 17.35 11.35 -21.72
N ASP B 471 17.00 12.37 -22.51
CA ASP B 471 17.89 12.84 -23.57
C ASP B 471 19.19 13.38 -22.97
N ALA B 472 19.06 14.24 -21.97
CA ALA B 472 20.22 14.78 -21.25
C ALA B 472 21.25 13.72 -20.87
N ASP B 473 20.82 12.49 -20.59
CA ASP B 473 21.82 11.46 -20.27
C ASP B 473 22.25 10.56 -21.43
N PHE B 474 21.51 10.64 -22.54
CA PHE B 474 21.76 9.84 -23.76
C PHE B 474 23.25 9.71 -24.11
N PRO B 475 23.67 8.50 -24.51
CA PRO B 475 22.85 7.33 -24.80
C PRO B 475 22.59 6.46 -23.58
N HIS B 476 22.80 7.03 -22.39
CA HIS B 476 22.67 6.27 -21.16
C HIS B 476 21.24 6.25 -20.65
N PRO B 477 20.83 5.11 -20.07
CA PRO B 477 19.52 5.00 -19.42
C PRO B 477 19.53 5.58 -18.01
N LEU B 478 18.44 6.22 -17.62
CA LEU B 478 18.28 6.63 -16.23
C LEU B 478 18.06 5.38 -15.41
N ARG B 479 18.83 5.23 -14.34
CA ARG B 479 18.63 4.11 -13.43
C ARG B 479 17.92 4.60 -12.18
N LEU B 480 16.59 4.57 -12.21
CA LEU B 480 15.79 5.18 -11.16
C LEU B 480 15.41 4.19 -10.05
N ARG B 481 15.30 4.71 -8.84
CA ARG B 481 14.83 3.94 -7.70
C ARG B 481 13.60 4.62 -7.12
N LEU B 482 13.37 5.85 -7.54
CA LEU B 482 12.21 6.59 -7.09
C LEU B 482 11.78 7.57 -8.15
N MET B 483 10.49 7.87 -8.17
CA MET B 483 9.99 8.88 -9.10
C MET B 483 8.81 9.59 -8.46
N GLY B 484 8.66 10.88 -8.73
CA GLY B 484 7.58 11.64 -8.15
C GLY B 484 7.05 12.69 -9.10
N VAL B 485 5.81 13.09 -8.90
CA VAL B 485 5.25 14.21 -9.62
C VAL B 485 4.58 15.09 -8.60
N ARG B 486 4.73 16.40 -8.79
CA ARG B 486 4.31 17.39 -7.83
C ARG B 486 3.72 18.58 -8.58
N ILE B 487 2.65 19.14 -8.04
CA ILE B 487 2.02 20.30 -8.66
C ILE B 487 1.80 21.38 -7.61
N SER B 488 1.93 22.64 -8.05
CA SER B 488 1.84 23.79 -7.16
C SER B 488 1.35 25.04 -7.90
N SER B 489 1.51 26.21 -7.25
CA SER B 489 1.09 27.50 -7.79
C SER B 489 -0.43 27.61 -7.94
N PHE B 490 -1.14 27.33 -6.86
CA PHE B 490 -2.60 27.47 -6.83
C PHE B 490 -3.01 28.94 -6.73
N PRO B 491 -4.26 29.27 -7.12
CA PRO B 491 -4.81 30.64 -7.03
C PRO B 491 -4.93 31.21 -5.60
O1 VKJ D 4 -4.49 -14.96 -3.12
C1 VKJ D 4 -4.48 -13.77 -2.84
N1 VKJ D 4 -4.23 -12.85 -3.77
C2 VKJ D 4 -4.22 -11.57 -3.48
N2 VKJ D 4 -3.93 -10.73 -4.46
N3 VKJ D 4 -4.44 -11.16 -2.24
C3 VKJ D 4 -4.71 -12.07 -1.27
C4 VKJ D 4 -4.73 -13.38 -1.57
N4 VKJ D 4 -5.01 -14.05 -0.48
C5 VKJ D 4 -5.14 -13.16 0.48
N5 VKJ D 4 -4.99 -11.97 -0.01
C6 VKJ D 4 -5.01 -10.75 0.73
O2 VKJ D 4 -4.14 -10.89 1.81
C7 VKJ D 4 -6.33 -10.48 1.34
C8 VKJ D 4 -5.95 -9.64 2.50
O3 VKJ D 4 -5.75 -8.33 2.02
C9 VKJ D 4 -4.63 -10.21 2.91
C10 VKJ D 4 -4.78 -11.20 4.02
O4 VKJ D 4 -5.20 -12.44 3.55
P1 VKJ D 4 -5.67 -13.50 4.62
O5 VKJ D 4 -6.26 -12.81 5.77
O6 VKJ D 4 -6.44 -14.57 3.96
O7 VKJ D 4 -5.31 -7.64 -5.30
C11 VKJ D 4 -4.90 -8.97 -5.43
C12 VKJ D 4 -3.93 -9.30 -4.34
C13 VKJ D 4 -2.53 -8.75 -4.61
C14 VKJ D 4 -4.33 -9.08 -6.81
O8 VKJ D 4 -5.20 -8.39 -7.67
C15 VKJ D 4 -2.97 -8.47 -7.04
O9 VKJ D 4 -2.18 -9.30 -7.86
C16 VKJ D 4 -2.29 -8.02 -5.87
C17 VKJ D 4 -1.53 -6.88 -6.02
C18 VKJ D 4 -0.87 -6.33 -4.99
C19 VKJ D 4 -0.98 -6.96 -3.71
C20 VKJ D 4 -1.79 -8.16 -3.51
C21 VKJ D 4 -1.85 -8.69 -2.25
C22 VKJ D 4 -1.15 -8.12 -1.21
C23 VKJ D 4 -0.27 -6.39 -2.60
C24 VKJ D 4 0.49 -5.25 -2.80
C25 VKJ D 4 0.56 -4.67 -4.06
C26 VKJ D 4 -0.11 -5.20 -5.15
C27 VKJ D 4 1.16 -4.70 -1.75
C28 VKJ D 4 -0.38 -6.98 -1.38
C29 VKJ D 4 0.31 -6.41 -0.32
C30 VKJ D 4 1.08 -5.27 -0.50
O1 VKJ F 4 10.96 9.16 8.01
C1 VKJ F 4 10.15 8.67 7.19
N1 VKJ F 4 8.81 8.82 7.37
C2 VKJ F 4 7.91 8.30 6.48
N2 VKJ F 4 6.59 8.48 6.72
N3 VKJ F 4 8.34 7.61 5.40
C3 VKJ F 4 9.67 7.44 5.20
C4 VKJ F 4 10.60 7.96 6.09
N4 VKJ F 4 11.84 7.64 5.64
C5 VKJ F 4 11.67 6.94 4.51
N5 VKJ F 4 10.36 6.83 4.25
C6 VKJ F 4 9.73 6.12 3.10
O2 VKJ F 4 10.14 4.75 3.09
C7 VKJ F 4 10.16 6.72 1.77
C8 VKJ F 4 10.11 5.52 0.87
O3 VKJ F 4 8.77 5.42 0.41
C9 VKJ F 4 10.44 4.34 1.76
C10 VKJ F 4 11.91 3.95 1.66
O4 VKJ F 4 12.72 5.13 1.78
P1 VKJ F 4 14.26 5.08 1.38
O5 VKJ F 4 14.38 4.57 -0.01
O6 VKJ F 4 14.90 6.36 1.77
O7 VKJ F 4 3.58 8.96 4.77
C11 VKJ F 4 4.63 9.21 5.72
C12 VKJ F 4 5.54 7.99 5.84
C13 VKJ F 4 4.87 6.84 6.61
C14 VKJ F 4 4.01 9.65 7.05
O8 VKJ F 4 2.96 10.55 6.74
C15 VKJ F 4 3.46 8.50 7.93
O9 VKJ F 4 4.26 8.36 9.10
C16 VKJ F 4 3.53 7.24 7.18
C17 VKJ F 4 2.35 6.50 7.06
C18 VKJ F 4 2.32 5.29 6.37
C19 VKJ F 4 3.56 4.82 5.74
C20 VKJ F 4 4.82 5.59 5.84
C21 VKJ F 4 5.96 5.05 5.22
C22 VKJ F 4 5.90 3.83 4.51
C23 VKJ F 4 3.54 3.55 4.99
C24 VKJ F 4 2.35 2.84 4.91
C25 VKJ F 4 1.18 3.33 5.51
C26 VKJ F 4 1.16 4.53 6.24
C27 VKJ F 4 2.34 1.64 4.19
C28 VKJ F 4 4.71 3.10 4.40
C29 VKJ F 4 4.69 1.90 3.69
C30 VKJ F 4 3.51 1.17 3.59
MG MG G . 1.71 -15.75 -15.43
PG 0KX H . 2.87 -18.64 -13.91
O1G 0KX H . 1.91 -19.74 -13.54
O2G 0KX H . 2.29 -17.81 -15.03
O3G 0KX H . 4.18 -19.23 -14.34
PB 0KX H . 2.51 -16.32 -12.24
O1B 0KX H . 2.69 -15.33 -13.37
O2B 0KX H . 3.19 -15.83 -11.04
O3B 0KX H . 3.10 -17.71 -12.65
PA 0KX H . -0.38 -16.15 -12.84
O1A 0KX H . -1.52 -16.96 -12.42
O2A 0KX H . -0.06 -16.45 -14.29
N3A 0KX H . 0.91 -16.49 -11.92
O5' 0KX H . -0.76 -14.58 -12.70
C5' 0KX H . -1.15 -14.06 -11.45
C4' 0KX H . -0.38 -12.78 -11.15
O4' 0KX H . -1.25 -11.98 -10.32
C3' 0KX H . 0.85 -13.09 -10.29
O3' 0KX H . 2.04 -12.65 -10.95
C2' 0KX H . 0.66 -12.31 -8.98
C1' 0KX H . -0.83 -11.99 -8.95
N1 0KX H . -1.55 -13.03 -8.18
C2 0KX H . -1.87 -12.75 -6.83
N3 0KX H . -2.51 -13.67 -6.06
C4 0KX H . -2.84 -14.86 -6.60
C5 0KX H . -2.52 -15.16 -7.92
C6 0KX H . -1.86 -14.22 -8.70
O2 0KX H . -1.56 -11.65 -6.34
N4 0KX H . -3.49 -15.79 -5.83
C1 PEG I . -16.51 -14.91 0.59
O1 PEG I . -17.63 -15.49 1.27
C2 PEG I . -15.56 -14.26 1.59
O2 PEG I . -14.22 -14.71 1.33
C3 PEG I . -13.31 -14.33 2.36
C4 PEG I . -12.11 -15.27 2.37
O4 PEG I . -12.01 -15.91 3.65
C1 EDO J . 5.96 -0.54 5.37
O1 EDO J . 4.96 -1.55 5.53
C2 EDO J . 5.86 0.52 6.47
O2 EDO J . 7.00 1.39 6.41
MG MG K . 4.39 10.85 19.36
PG 0KX L . 6.91 9.11 20.58
O1G 0KX L . 8.37 9.44 20.37
O2G 0KX L . 6.09 10.39 20.49
O3G 0KX L . 6.72 8.49 21.94
PB 0KX L . 5.62 8.25 18.06
O1B 0KX L . 5.50 6.94 17.41
O2B 0KX L . 4.25 8.81 18.34
O3B 0KX L . 6.42 8.09 19.43
PA 0KX L . 6.09 10.80 16.64
O1A 0KX L . 5.94 11.65 17.88
O2A 0KX L . 7.17 11.32 15.81
N3A 0KX L . 6.43 9.26 17.06
O5' 0KX L . 4.72 10.83 15.80
C5' 0KX L . 4.73 10.66 14.40
C4' 0KX L . 4.00 9.38 14.00
O4' 0KX L . 4.10 9.31 12.58
C3' 0KX L . 4.71 8.12 14.54
O3' 0KX L . 3.88 7.35 15.43
C2' 0KX L . 5.01 7.26 13.32
C1' 0KX L . 4.96 8.24 12.16
N1 0KX L . 6.32 8.72 11.88
C2 0KX L . 6.86 8.45 10.61
N3 0KX L . 8.11 8.84 10.30
C4 0KX L . 8.87 9.48 11.20
C5 0KX L . 8.37 9.74 12.48
C6 0KX L . 7.08 9.34 12.82
O2 0KX L . 6.15 7.87 9.77
N4 0KX L . 10.14 9.86 10.88
C1 PEG M . 0.43 6.99 3.91
O1 PEG M . -0.95 7.16 4.28
C2 PEG M . 0.72 7.67 2.57
O2 PEG M . 1.64 6.86 1.83
C3 PEG M . 1.23 6.67 0.48
C4 PEG M . 1.53 5.24 0.05
O4 PEG M . 0.33 4.57 -0.35
C1 PEG N . 3.58 8.17 -24.69
O1 PEG N . 2.53 8.09 -23.73
C2 PEG N . 4.79 8.87 -24.11
O2 PEG N . 5.72 9.13 -25.16
C3 PEG N . 6.79 8.18 -25.14
C4 PEG N . 7.86 8.63 -26.12
O4 PEG N . 8.36 9.88 -25.64
#